data_6GCC
#
_entry.id   6GCC
#
_cell.length_a   72.256
_cell.length_b   72.256
_cell.length_c   317.596
_cell.angle_alpha   90.00
_cell.angle_beta   90.00
_cell.angle_gamma   90.00
#
_symmetry.space_group_name_H-M   'P 43 21 2'
#
loop_
_entity.id
_entity.type
_entity.pdbx_description
1 polymer 'Glutathione transferase Xi 3 mutant C56S'
2 branched 3,4-di-O-sulfo-alpha-D-glucopyranose-(1-6)-3,4-di-O-sulfo-alpha-D-altropyranose-(1-6)-1,2,3,4-tetra-O-sulfo-alpha-D-allopyranose
3 water water
#
_entity_poly.entity_id   1
_entity_poly.type   'polypeptide(L)'
_entity_poly.pdbx_seq_one_letter_code
;MAATRDVTHLTDISKGLAEADGSFKRKASTFRRFIEKGGEFEPEKGRYHLYVAYSSPWATRTLIVRKIKGLEEIVGVTIV
SPLFSAHGWPFGDVSPFPGAEADPFYNAQYVRDLYLRADPKYEGRFTVPVLWDKKTETVVNNESSEIIRIFNTAFNEFLP
ADKAAIHLYPEALKSEIDEINEWVYDTVNNGVYKAGFATTQQAYEAAVIPLFESLDRLEKILTGKDYLVGDQLTEADVRL
FVTIIRFDPAYVGHFKCNLRTIRDGYPAIHLWLRKLYWNNSAFSETCKFDHIKASYYAQKNVNPTLVVPLGPIPNILPLH
HHHHH
;
_entity_poly.pdbx_strand_id   A,B
#
loop_
_chem_comp.id
_chem_comp.type
_chem_comp.name
_chem_comp.formula
5LT D-saccharide, alpha linking 3,4-di-O-sulfo-alpha-D-glucopyranose 'C6 H12 O12 S2'
TUG D-saccharide, alpha linking 3,4-di-O-sulfo-alpha-D-altropyranose 'C6 H12 O12 S2'
TUJ D-saccharide 1,2,3,4-tetra-O-sulfo-alpha-D-allopyranose 'C6 H12 O18 S4'
#
# COMPACT_ATOMS: atom_id res chain seq x y z
N SER A 29 -3.71 -11.79 27.48
CA SER A 29 -4.59 -10.93 28.27
C SER A 29 -4.88 -11.58 29.63
N THR A 30 -4.63 -10.84 30.71
CA THR A 30 -4.47 -11.45 32.01
C THR A 30 -5.65 -11.17 32.96
N PHE A 31 -6.76 -10.60 32.48
CA PHE A 31 -8.01 -10.52 33.25
C PHE A 31 -8.98 -11.46 32.57
N ARG A 32 -9.21 -12.61 33.17
CA ARG A 32 -9.91 -13.69 32.49
C ARG A 32 -11.04 -14.20 33.37
N ARG A 33 -11.89 -13.29 33.82
CA ARG A 33 -13.05 -13.65 34.63
C ARG A 33 -14.34 -13.59 33.83
N PHE A 34 -15.36 -14.21 34.39
CA PHE A 34 -16.63 -14.40 33.73
C PHE A 34 -17.76 -13.84 34.58
N ILE A 35 -18.95 -13.81 33.99
CA ILE A 35 -20.12 -13.21 34.60
C ILE A 35 -21.10 -14.35 34.82
N GLU A 36 -21.21 -14.83 36.06
CA GLU A 36 -21.89 -16.08 36.34
C GLU A 36 -22.69 -15.95 37.61
N LYS A 37 -23.83 -16.64 37.66
CA LYS A 37 -24.68 -16.64 38.83
C LYS A 37 -23.89 -17.22 40.00
N GLY A 38 -23.92 -16.52 41.14
CA GLY A 38 -23.16 -16.95 42.31
C GLY A 38 -21.70 -16.61 42.28
N GLY A 39 -21.21 -15.98 41.22
CA GLY A 39 -19.81 -15.71 41.05
C GLY A 39 -19.41 -14.32 41.53
N GLU A 40 -18.15 -13.99 41.22
CA GLU A 40 -17.61 -12.68 41.55
C GLU A 40 -18.40 -11.57 40.86
N PHE A 41 -18.95 -11.86 39.67
CA PHE A 41 -19.59 -10.85 38.83
C PHE A 41 -20.97 -11.39 38.47
N GLU A 42 -21.93 -11.15 39.34
CA GLU A 42 -23.28 -11.60 39.12
C GLU A 42 -23.86 -10.95 37.84
N PRO A 43 -24.61 -11.69 37.03
CA PRO A 43 -25.29 -11.09 35.89
C PRO A 43 -26.31 -10.04 36.31
N GLU A 44 -26.17 -8.85 35.73
CA GLU A 44 -26.96 -7.70 36.14
C GLU A 44 -27.01 -6.74 34.96
N LYS A 45 -28.12 -6.02 34.87
CA LYS A 45 -28.30 -4.97 33.88
C LYS A 45 -27.75 -3.66 34.42
N GLY A 46 -27.05 -2.92 33.58
CA GLY A 46 -26.59 -1.62 34.00
C GLY A 46 -25.38 -1.63 34.90
N ARG A 47 -24.71 -2.77 35.07
CA ARG A 47 -23.56 -2.92 35.93
C ARG A 47 -22.24 -3.00 35.15
N TYR A 48 -22.26 -3.62 33.97
CA TYR A 48 -21.03 -3.89 33.22
C TYR A 48 -20.91 -2.94 32.03
N HIS A 49 -19.68 -2.61 31.70
CA HIS A 49 -19.41 -1.55 30.73
C HIS A 49 -18.23 -1.94 29.84
N LEU A 50 -18.34 -1.60 28.56
CA LEU A 50 -17.31 -1.91 27.58
C LEU A 50 -16.56 -0.66 27.18
N TYR A 51 -15.23 -0.69 27.32
CA TYR A 51 -14.37 0.36 26.81
C TYR A 51 -13.64 -0.16 25.59
N VAL A 52 -13.82 0.52 24.46
CA VAL A 52 -13.30 0.03 23.19
C VAL A 52 -12.75 1.17 22.36
N ALA A 53 -11.96 0.80 21.35
CA ALA A 53 -11.63 1.65 20.22
C ALA A 53 -12.27 1.04 18.98
N TYR A 54 -12.89 1.89 18.14
CA TYR A 54 -13.42 1.43 16.87
C TYR A 54 -12.33 0.90 15.95
N SER A 55 -11.11 1.43 16.06
CA SER A 55 -10.02 0.99 15.17
C SER A 55 -9.59 -0.45 15.43
N SER A 56 -9.75 -0.92 16.65
CA SER A 56 -9.19 -2.21 17.06
C SER A 56 -10.09 -3.33 16.56
N PRO A 57 -9.59 -4.30 15.75
CA PRO A 57 -10.42 -5.45 15.40
C PRO A 57 -10.82 -6.28 16.61
N TRP A 58 -9.93 -6.38 17.59
CA TRP A 58 -10.21 -7.16 18.79
C TRP A 58 -11.38 -6.56 19.56
N ALA A 59 -11.30 -5.24 19.83
CA ALA A 59 -12.41 -4.56 20.50
C ALA A 59 -13.68 -4.58 19.67
N THR A 60 -13.55 -4.44 18.33
CA THR A 60 -14.73 -4.46 17.47
C THR A 60 -15.47 -5.79 17.52
N ARG A 61 -14.76 -6.89 17.74
CA ARG A 61 -15.47 -8.15 17.96
C ARG A 61 -16.56 -7.99 19.02
N THR A 62 -16.23 -7.31 20.11
CA THR A 62 -17.20 -7.20 21.22
C THR A 62 -18.32 -6.21 20.88
N LEU A 63 -18.03 -5.19 20.08
CA LEU A 63 -19.10 -4.29 19.63
C LEU A 63 -20.06 -5.03 18.74
N ILE A 64 -19.55 -5.84 17.82
CA ILE A 64 -20.44 -6.54 16.92
C ILE A 64 -21.36 -7.45 17.73
N VAL A 65 -20.80 -8.18 18.68
CA VAL A 65 -21.61 -9.17 19.37
C VAL A 65 -22.58 -8.49 20.32
N ARG A 66 -22.19 -7.34 20.88
CA ARG A 66 -23.11 -6.55 21.68
C ARG A 66 -24.36 -6.16 20.88
N LYS A 67 -24.19 -5.73 19.63
CA LYS A 67 -25.34 -5.45 18.78
C LYS A 67 -26.08 -6.75 18.36
N ILE A 68 -25.36 -7.81 18.00
CA ILE A 68 -26.06 -9.03 17.60
C ILE A 68 -27.01 -9.49 18.68
N LYS A 69 -26.57 -9.40 19.93
CA LYS A 69 -27.32 -9.92 21.07
C LYS A 69 -28.26 -8.89 21.67
N GLY A 70 -28.31 -7.68 21.14
CA GLY A 70 -29.27 -6.74 21.67
C GLY A 70 -28.94 -6.26 23.06
N LEU A 71 -27.65 -6.08 23.37
CA LEU A 71 -27.21 -5.75 24.71
C LEU A 71 -26.99 -4.25 24.90
N GLU A 72 -27.40 -3.42 23.95
CA GLU A 72 -27.05 -2.00 24.02
C GLU A 72 -27.52 -1.36 25.32
N GLU A 73 -28.69 -1.74 25.83
CA GLU A 73 -29.23 -1.10 27.04
C GLU A 73 -28.88 -1.83 28.31
N ILE A 74 -28.08 -2.89 28.20
CA ILE A 74 -27.72 -3.75 29.30
C ILE A 74 -26.25 -3.62 29.67
N VAL A 75 -25.39 -3.46 28.64
CA VAL A 75 -23.95 -3.22 28.79
C VAL A 75 -23.65 -1.89 28.09
N GLY A 76 -23.16 -0.93 28.83
CA GLY A 76 -22.83 0.35 28.21
C GLY A 76 -21.50 0.29 27.46
N VAL A 77 -21.26 1.31 26.62
CA VAL A 77 -20.03 1.38 25.83
C VAL A 77 -19.46 2.79 25.89
N THR A 78 -18.13 2.89 25.97
CA THR A 78 -17.42 4.14 25.76
C THR A 78 -16.37 3.93 24.67
N ILE A 79 -16.31 4.87 23.74
CA ILE A 79 -15.39 4.83 22.60
C ILE A 79 -14.17 5.69 22.92
N VAL A 80 -13.00 5.08 23.01
CA VAL A 80 -11.78 5.84 23.21
C VAL A 80 -11.31 6.43 21.88
N SER A 81 -10.37 7.33 21.95
CA SER A 81 -9.85 7.96 20.73
C SER A 81 -9.00 6.96 19.95
N PRO A 82 -9.10 6.94 18.63
CA PRO A 82 -8.26 6.02 17.84
C PRO A 82 -6.81 6.47 17.74
N LEU A 83 -6.47 7.63 18.26
CA LEU A 83 -5.13 8.20 18.12
C LEU A 83 -4.29 7.74 19.28
N PHE A 84 -3.84 6.49 19.15
CA PHE A 84 -2.98 5.87 20.13
C PHE A 84 -1.80 6.78 20.39
N SER A 85 -1.48 6.92 21.67
CA SER A 85 -0.50 7.88 22.17
C SER A 85 0.62 7.14 22.86
N ALA A 86 1.59 7.92 23.33
CA ALA A 86 2.72 7.39 24.08
C ALA A 86 2.27 6.81 25.41
N HIS A 87 1.09 7.17 25.89
CA HIS A 87 0.52 6.58 27.10
C HIS A 87 -0.60 5.59 26.80
N GLY A 88 -0.66 5.09 25.57
CA GLY A 88 -1.71 4.18 25.18
C GLY A 88 -2.93 4.91 24.65
N TRP A 89 -4.05 4.21 24.70
CA TRP A 89 -5.31 4.72 24.18
C TRP A 89 -5.75 5.92 25.01
N PRO A 90 -5.89 7.10 24.41
CA PRO A 90 -6.52 8.23 25.11
C PRO A 90 -8.03 8.24 24.99
N PHE A 91 -8.65 8.88 25.97
CA PHE A 91 -10.06 9.18 25.86
C PHE A 91 -10.26 10.41 24.99
N GLY A 92 -11.53 10.66 24.67
CA GLY A 92 -11.88 11.62 23.63
C GLY A 92 -11.63 13.06 23.99
N ASP A 93 -11.56 13.38 25.29
CA ASP A 93 -11.23 14.73 25.73
C ASP A 93 -9.74 14.98 25.64
N VAL A 94 -8.92 13.96 25.87
CA VAL A 94 -7.48 14.15 25.72
C VAL A 94 -7.11 14.26 24.24
N SER A 95 -7.70 13.42 23.40
CA SER A 95 -7.35 13.37 21.98
C SER A 95 -8.64 13.40 21.17
N PRO A 96 -9.15 14.58 20.85
CA PRO A 96 -10.45 14.65 20.19
C PRO A 96 -10.44 13.99 18.81
N PHE A 97 -11.53 13.31 18.52
CA PHE A 97 -11.66 12.64 17.24
C PHE A 97 -13.14 12.38 17.12
N PRO A 98 -13.74 12.60 15.94
CA PRO A 98 -15.18 12.42 15.81
C PRO A 98 -15.67 11.07 16.32
N GLY A 99 -16.60 11.06 17.27
CA GLY A 99 -17.14 9.83 17.82
C GLY A 99 -16.40 9.29 19.04
N ALA A 100 -15.20 9.80 19.31
CA ALA A 100 -14.47 9.45 20.51
C ALA A 100 -15.05 10.20 21.71
N GLU A 101 -15.05 9.56 22.86
CA GLU A 101 -15.79 10.02 24.03
C GLU A 101 -14.87 10.15 25.23
N ALA A 102 -15.21 11.07 26.13
CA ALA A 102 -14.59 11.09 27.44
C ALA A 102 -15.07 9.89 28.27
N ASP A 103 -14.25 9.46 29.20
CA ASP A 103 -14.68 8.46 30.19
C ASP A 103 -15.82 9.04 31.02
N PRO A 104 -17.00 8.40 31.07
CA PRO A 104 -18.11 8.97 31.84
C PRO A 104 -17.98 8.87 33.35
N PHE A 105 -17.09 8.03 33.88
CA PHE A 105 -17.20 7.58 35.27
C PHE A 105 -16.09 8.05 36.18
N TYR A 106 -14.82 8.02 35.75
CA TYR A 106 -13.70 8.27 36.66
C TYR A 106 -12.78 9.39 36.22
N ASN A 107 -13.19 10.19 35.23
CA ASN A 107 -12.29 11.15 34.59
C ASN A 107 -11.02 10.46 34.11
N ALA A 108 -11.10 9.18 33.73
CA ALA A 108 -9.92 8.53 33.19
C ALA A 108 -9.46 9.27 31.94
N GLN A 109 -8.16 9.43 31.82
CA GLN A 109 -7.53 10.10 30.68
C GLN A 109 -6.98 9.14 29.65
N TYR A 110 -6.49 7.98 30.08
CA TYR A 110 -6.02 6.93 29.19
C TYR A 110 -6.58 5.60 29.69
N VAL A 111 -6.68 4.63 28.78
CA VAL A 111 -7.20 3.32 29.19
C VAL A 111 -6.36 2.75 30.35
N ARG A 112 -5.06 3.08 30.42
CA ARG A 112 -4.24 2.56 31.51
C ARG A 112 -4.76 3.01 32.87
N ASP A 113 -5.43 4.16 32.95
CA ASP A 113 -6.01 4.59 34.23
C ASP A 113 -7.06 3.61 34.75
N LEU A 114 -7.83 2.99 33.87
CA LEU A 114 -8.78 1.98 34.32
C LEU A 114 -8.04 0.79 34.91
N TYR A 115 -7.06 0.27 34.18
CA TYR A 115 -6.29 -0.86 34.67
C TYR A 115 -5.67 -0.54 36.03
N LEU A 116 -5.05 0.62 36.15
CA LEU A 116 -4.37 0.94 37.41
C LEU A 116 -5.37 1.20 38.53
N ARG A 117 -6.57 1.67 38.19
CA ARG A 117 -7.63 1.79 39.17
C ARG A 117 -8.06 0.41 39.66
N ALA A 118 -8.25 -0.54 38.73
CA ALA A 118 -8.56 -1.91 39.11
C ALA A 118 -7.44 -2.55 39.92
N ASP A 119 -6.18 -2.33 39.55
CA ASP A 119 -5.05 -2.99 40.19
C ASP A 119 -3.81 -2.13 40.01
N PRO A 120 -3.39 -1.40 41.04
CA PRO A 120 -2.28 -0.45 40.84
C PRO A 120 -0.97 -1.12 40.53
N LYS A 121 -0.86 -2.42 40.79
CA LYS A 121 0.35 -3.17 40.49
C LYS A 121 0.28 -3.90 39.15
N TYR A 122 -0.72 -3.62 38.32
CA TYR A 122 -0.86 -4.34 37.05
C TYR A 122 0.33 -4.06 36.15
N GLU A 123 0.82 -5.11 35.49
CA GLU A 123 1.99 -5.00 34.64
C GLU A 123 1.78 -5.62 33.27
N GLY A 124 0.52 -5.82 32.86
CA GLY A 124 0.24 -6.21 31.50
C GLY A 124 0.16 -5.01 30.58
N ARG A 125 -0.32 -5.26 29.37
CA ARG A 125 -0.61 -4.20 28.43
C ARG A 125 -2.00 -3.62 28.70
N PHE A 126 -2.14 -2.33 28.42
CA PHE A 126 -3.38 -1.60 28.69
C PHE A 126 -4.29 -1.63 27.45
N THR A 127 -4.70 -2.83 27.08
CA THR A 127 -5.38 -3.04 25.81
C THR A 127 -6.88 -2.77 25.88
N VAL A 128 -7.45 -2.51 24.71
CA VAL A 128 -8.87 -2.65 24.53
C VAL A 128 -9.15 -3.99 23.81
N PRO A 129 -10.32 -4.60 24.06
CA PRO A 129 -11.45 -4.15 24.86
C PRO A 129 -11.25 -4.43 26.33
N VAL A 130 -11.95 -3.64 27.12
CA VAL A 130 -12.05 -3.80 28.57
C VAL A 130 -13.52 -3.99 28.89
N LEU A 131 -13.89 -5.16 29.38
CA LEU A 131 -15.19 -5.37 30.00
C LEU A 131 -15.05 -5.08 31.48
N TRP A 132 -15.73 -4.04 31.93
CA TRP A 132 -15.51 -3.39 33.22
C TRP A 132 -16.72 -3.58 34.11
N ASP A 133 -16.46 -3.83 35.41
CA ASP A 133 -17.49 -3.89 36.44
C ASP A 133 -17.56 -2.53 37.13
N LYS A 134 -18.68 -1.83 36.98
CA LYS A 134 -18.84 -0.55 37.66
C LYS A 134 -19.04 -0.72 39.16
N LYS A 135 -19.51 -1.88 39.61
CA LYS A 135 -19.81 -2.01 41.03
C LYS A 135 -18.53 -2.11 41.85
N THR A 136 -17.70 -3.12 41.59
CA THR A 136 -16.41 -3.26 42.26
C THR A 136 -15.28 -2.49 41.58
N GLU A 137 -15.53 -1.91 40.42
CA GLU A 137 -14.55 -1.03 39.79
C GLU A 137 -13.27 -1.79 39.45
N THR A 138 -13.44 -2.83 38.63
CA THR A 138 -12.30 -3.62 38.19
C THR A 138 -12.58 -4.17 36.80
N VAL A 139 -11.54 -4.75 36.23
CA VAL A 139 -11.66 -5.38 34.91
C VAL A 139 -12.20 -6.81 35.08
N VAL A 140 -13.37 -7.08 34.51
CA VAL A 140 -13.87 -8.46 34.48
C VAL A 140 -13.02 -9.30 33.55
N ASN A 141 -12.87 -8.84 32.31
CA ASN A 141 -12.22 -9.62 31.28
C ASN A 141 -11.69 -8.66 30.24
N ASN A 142 -10.45 -8.87 29.77
CA ASN A 142 -9.91 -8.07 28.67
C ASN A 142 -9.42 -8.95 27.52
N GLU A 143 -10.02 -10.12 27.36
CA GLU A 143 -9.77 -10.98 26.21
C GLU A 143 -11.02 -10.99 25.34
N SER A 144 -10.92 -10.39 24.14
CA SER A 144 -12.07 -10.28 23.24
C SER A 144 -12.67 -11.65 22.93
N SER A 145 -11.86 -12.70 22.82
CA SER A 145 -12.41 -14.02 22.52
C SER A 145 -13.34 -14.52 23.64
N GLU A 146 -13.07 -14.14 24.88
CA GLU A 146 -13.89 -14.51 26.02
C GLU A 146 -15.04 -13.53 26.24
N ILE A 147 -14.83 -12.24 26.00
CA ILE A 147 -15.93 -11.29 26.16
C ILE A 147 -17.09 -11.67 25.24
N ILE A 148 -16.80 -12.09 23.99
CA ILE A 148 -17.91 -12.37 23.10
C ILE A 148 -18.60 -13.66 23.51
N ARG A 149 -17.92 -14.56 24.23
CA ARG A 149 -18.61 -15.75 24.72
C ARG A 149 -19.47 -15.41 25.95
N ILE A 150 -18.95 -14.57 26.85
CA ILE A 150 -19.78 -14.08 27.95
C ILE A 150 -21.11 -13.58 27.41
N PHE A 151 -21.07 -12.85 26.29
CA PHE A 151 -22.25 -12.20 25.75
C PHE A 151 -23.27 -13.16 25.18
N ASN A 152 -22.86 -14.38 24.80
CA ASN A 152 -23.78 -15.37 24.26
C ASN A 152 -24.91 -15.69 25.21
N THR A 153 -24.59 -15.78 26.51
CA THR A 153 -25.56 -16.31 27.48
C THR A 153 -25.70 -15.51 28.75
N ALA A 154 -24.65 -14.78 29.16
CA ALA A 154 -24.62 -14.27 30.53
C ALA A 154 -25.84 -13.40 30.82
N PHE A 155 -26.35 -12.70 29.81
CA PHE A 155 -27.39 -11.70 30.01
C PHE A 155 -28.73 -12.14 29.43
N ASN A 156 -28.87 -13.41 29.07
CA ASN A 156 -30.08 -13.82 28.36
C ASN A 156 -31.35 -13.53 29.13
N GLU A 157 -31.30 -13.56 30.46
CA GLU A 157 -32.51 -13.29 31.23
C GLU A 157 -33.04 -11.89 30.98
N PHE A 158 -32.23 -10.97 30.47
CA PHE A 158 -32.63 -9.58 30.30
C PHE A 158 -33.04 -9.27 28.87
N LEU A 159 -33.10 -10.28 27.99
CA LEU A 159 -33.27 -10.11 26.55
C LEU A 159 -34.61 -10.65 26.07
N PRO A 160 -35.19 -10.07 25.02
CA PRO A 160 -36.32 -10.72 24.37
C PRO A 160 -35.94 -12.09 23.86
N ALA A 161 -36.96 -12.93 23.67
CA ALA A 161 -36.73 -14.32 23.28
C ALA A 161 -35.84 -14.45 22.05
N ASP A 162 -36.02 -13.57 21.05
CA ASP A 162 -35.30 -13.77 19.80
C ASP A 162 -33.82 -13.46 19.96
N LYS A 163 -33.47 -12.46 20.78
CA LYS A 163 -32.07 -12.17 21.05
C LYS A 163 -31.45 -13.18 22.01
N ALA A 164 -32.22 -13.67 22.98
CA ALA A 164 -31.68 -14.62 23.95
C ALA A 164 -31.32 -15.92 23.26
N ALA A 165 -32.06 -16.29 22.23
CA ALA A 165 -31.79 -17.54 21.52
C ALA A 165 -30.49 -17.52 20.75
N ILE A 166 -29.98 -16.34 20.41
CA ILE A 166 -28.77 -16.29 19.61
C ILE A 166 -27.60 -16.82 20.42
N HIS A 167 -26.82 -17.70 19.81
CA HIS A 167 -25.62 -18.24 20.45
C HIS A 167 -24.60 -18.44 19.33
N LEU A 168 -23.49 -17.73 19.42
CA LEU A 168 -22.50 -17.76 18.35
C LEU A 168 -21.43 -18.82 18.57
N TYR A 169 -21.57 -19.62 19.60
CA TYR A 169 -20.60 -20.64 19.95
C TYR A 169 -21.38 -21.86 20.43
N PRO A 170 -22.35 -22.36 19.69
CA PRO A 170 -23.19 -23.43 20.23
C PRO A 170 -22.45 -24.75 20.34
N GLU A 171 -22.95 -25.59 21.25
CA GLU A 171 -22.27 -26.83 21.60
C GLU A 171 -21.97 -27.68 20.40
N ALA A 172 -22.92 -27.82 19.49
CA ALA A 172 -22.71 -28.77 18.39
C ALA A 172 -21.61 -28.32 17.42
N LEU A 173 -21.27 -27.02 17.41
CA LEU A 173 -20.27 -26.47 16.49
C LEU A 173 -19.00 -26.06 17.19
N LYS A 174 -18.89 -26.22 18.50
CA LYS A 174 -17.75 -25.66 19.21
C LYS A 174 -16.43 -26.17 18.63
N SER A 175 -16.32 -27.50 18.46
CA SER A 175 -15.05 -28.07 18.06
C SER A 175 -14.65 -27.60 16.68
N GLU A 176 -15.61 -27.55 15.77
CA GLU A 176 -15.33 -27.06 14.43
C GLU A 176 -14.94 -25.58 14.47
N ILE A 177 -15.67 -24.78 15.24
CA ILE A 177 -15.32 -23.38 15.40
C ILE A 177 -13.90 -23.22 15.96
N ASP A 178 -13.57 -23.97 17.02
CA ASP A 178 -12.24 -23.84 17.63
C ASP A 178 -11.15 -24.16 16.63
N GLU A 179 -11.38 -25.17 15.79
CA GLU A 179 -10.36 -25.62 14.84
C GLU A 179 -10.05 -24.53 13.81
N ILE A 180 -11.09 -23.87 13.29
CA ILE A 180 -10.86 -22.82 12.30
C ILE A 180 -10.37 -21.55 12.97
N ASN A 181 -10.87 -21.27 14.18
CA ASN A 181 -10.37 -20.13 14.94
C ASN A 181 -8.87 -20.20 15.16
N GLU A 182 -8.34 -21.41 15.34
CA GLU A 182 -6.95 -21.54 15.75
C GLU A 182 -6.01 -21.06 14.67
N TRP A 183 -6.20 -21.52 13.44
CA TRP A 183 -5.34 -21.07 12.37
C TRP A 183 -5.73 -19.69 11.83
N VAL A 184 -7.01 -19.31 11.87
CA VAL A 184 -7.34 -17.93 11.54
C VAL A 184 -6.66 -16.97 12.51
N TYR A 185 -6.80 -17.23 13.80
CA TYR A 185 -6.12 -16.39 14.78
C TYR A 185 -4.64 -16.25 14.47
N ASP A 186 -3.95 -17.39 14.31
CA ASP A 186 -2.49 -17.40 14.21
C ASP A 186 -1.99 -16.74 12.93
N THR A 187 -2.60 -17.07 11.79
CA THR A 187 -2.06 -16.67 10.50
C THR A 187 -2.77 -15.49 9.86
N VAL A 188 -3.95 -15.11 10.36
CA VAL A 188 -4.74 -14.06 9.74
C VAL A 188 -4.99 -12.90 10.71
N ASN A 189 -5.72 -13.15 11.82
CA ASN A 189 -5.97 -12.08 12.77
C ASN A 189 -4.66 -11.47 13.26
N ASN A 190 -3.74 -12.31 13.74
CA ASN A 190 -2.42 -11.85 14.14
C ASN A 190 -1.44 -11.78 13.00
N GLY A 191 -1.69 -12.53 11.93
CA GLY A 191 -0.77 -12.54 10.80
C GLY A 191 -0.57 -11.17 10.19
N VAL A 192 -1.64 -10.38 10.10
CA VAL A 192 -1.49 -9.06 9.49
C VAL A 192 -0.57 -8.18 10.34
N TYR A 193 -0.72 -8.22 11.67
CA TYR A 193 0.22 -7.51 12.54
C TYR A 193 1.63 -8.09 12.45
N LYS A 194 1.78 -9.42 12.43
CA LYS A 194 3.14 -9.95 12.30
C LYS A 194 3.83 -9.40 11.06
N ALA A 195 3.11 -9.32 9.95
CA ALA A 195 3.68 -8.78 8.73
C ALA A 195 3.92 -7.27 8.85
N GLY A 196 2.94 -6.54 9.38
CA GLY A 196 3.00 -5.10 9.33
C GLY A 196 4.04 -4.49 10.24
N PHE A 197 4.25 -5.09 11.40
CA PHE A 197 5.24 -4.61 12.36
C PHE A 197 6.55 -5.37 12.30
N ALA A 198 6.70 -6.30 11.37
CA ALA A 198 8.00 -6.91 11.15
C ALA A 198 9.00 -5.82 10.79
N THR A 199 10.21 -5.96 11.32
CA THR A 199 11.24 -4.96 11.08
C THR A 199 12.37 -5.50 10.23
N THR A 200 12.26 -6.78 9.82
CA THR A 200 13.19 -7.35 8.86
C THR A 200 12.41 -7.95 7.71
N GLN A 201 13.08 -7.99 6.56
CA GLN A 201 12.53 -8.62 5.38
C GLN A 201 12.13 -10.06 5.69
N GLN A 202 13.00 -10.78 6.38
CA GLN A 202 12.78 -12.19 6.67
C GLN A 202 11.53 -12.38 7.52
N ALA A 203 11.35 -11.57 8.55
CA ALA A 203 10.19 -11.71 9.41
C ALA A 203 8.91 -11.28 8.68
N TYR A 204 8.99 -10.26 7.83
CA TYR A 204 7.83 -9.87 7.04
C TYR A 204 7.39 -11.01 6.15
N GLU A 205 8.33 -11.63 5.44
CA GLU A 205 7.96 -12.65 4.48
C GLU A 205 7.44 -13.87 5.20
N ALA A 206 7.99 -14.18 6.37
CA ALA A 206 7.54 -15.35 7.12
C ALA A 206 6.11 -15.21 7.61
N ALA A 207 5.61 -13.98 7.77
CA ALA A 207 4.25 -13.73 8.19
C ALA A 207 3.30 -13.58 7.01
N VAL A 208 3.73 -12.85 5.98
CA VAL A 208 2.83 -12.49 4.90
C VAL A 208 2.51 -13.70 4.04
N ILE A 209 3.45 -14.64 3.89
CA ILE A 209 3.17 -15.78 3.02
C ILE A 209 2.12 -16.69 3.66
N PRO A 210 2.26 -17.11 4.92
CA PRO A 210 1.17 -17.90 5.51
C PRO A 210 -0.16 -17.14 5.61
N LEU A 211 -0.10 -15.84 5.78
CA LEU A 211 -1.34 -15.05 5.72
C LEU A 211 -2.09 -15.32 4.43
N PHE A 212 -1.41 -15.18 3.29
CA PHE A 212 -2.11 -15.32 2.02
C PHE A 212 -2.42 -16.78 1.70
N GLU A 213 -1.63 -17.73 2.22
CA GLU A 213 -2.03 -19.13 2.09
C GLU A 213 -3.35 -19.39 2.83
N SER A 214 -3.51 -18.74 3.98
CA SER A 214 -4.74 -18.92 4.75
C SER A 214 -5.92 -18.23 4.07
N LEU A 215 -5.69 -17.08 3.43
CA LEU A 215 -6.77 -16.47 2.65
C LEU A 215 -7.17 -17.36 1.47
N ASP A 216 -6.17 -17.93 0.77
CA ASP A 216 -6.45 -18.91 -0.27
C ASP A 216 -7.33 -20.03 0.27
N ARG A 217 -7.02 -20.50 1.48
CA ARG A 217 -7.77 -21.58 2.08
C ARG A 217 -9.17 -21.14 2.50
N LEU A 218 -9.29 -19.95 3.06
CA LEU A 218 -10.61 -19.40 3.39
C LEU A 218 -11.45 -19.17 2.15
N GLU A 219 -10.81 -18.74 1.06
CA GLU A 219 -11.50 -18.57 -0.20
C GLU A 219 -12.16 -19.88 -0.65
N LYS A 220 -11.47 -21.01 -0.49
CA LYS A 220 -12.05 -22.31 -0.82
C LYS A 220 -13.16 -22.69 0.15
N ILE A 221 -12.96 -22.44 1.43
CA ILE A 221 -13.96 -22.86 2.40
C ILE A 221 -15.26 -22.10 2.18
N LEU A 222 -15.17 -20.82 1.82
CA LEU A 222 -16.33 -19.94 1.66
C LEU A 222 -16.93 -20.00 0.26
N THR A 223 -16.34 -20.78 -0.65
CA THR A 223 -16.88 -20.84 -2.00
C THR A 223 -18.29 -21.43 -1.96
N GLY A 224 -19.27 -20.66 -2.44
CA GLY A 224 -20.64 -21.15 -2.38
C GLY A 224 -21.29 -21.14 -1.02
N LYS A 225 -20.68 -20.50 -0.01
CA LYS A 225 -21.21 -20.49 1.34
C LYS A 225 -21.34 -19.07 1.89
N ASP A 226 -22.28 -18.89 2.80
CA ASP A 226 -22.47 -17.61 3.46
C ASP A 226 -21.77 -17.51 4.80
N TYR A 227 -21.42 -18.64 5.42
CA TYR A 227 -20.78 -18.64 6.73
C TYR A 227 -19.68 -19.69 6.75
N LEU A 228 -18.69 -19.47 7.63
CA LEU A 228 -17.54 -20.38 7.75
C LEU A 228 -17.94 -21.74 8.27
N VAL A 229 -18.90 -21.80 9.20
CA VAL A 229 -19.18 -22.99 9.97
C VAL A 229 -20.68 -23.22 10.04
N GLY A 230 -21.12 -24.42 9.66
CA GLY A 230 -22.46 -24.86 9.97
C GLY A 230 -23.56 -24.10 9.26
N ASP A 231 -23.22 -23.34 8.23
CA ASP A 231 -24.21 -22.56 7.48
C ASP A 231 -25.04 -21.67 8.38
N GLN A 232 -24.40 -21.13 9.42
CA GLN A 232 -25.04 -20.10 10.22
C GLN A 232 -23.95 -19.18 10.76
N LEU A 233 -24.37 -17.98 11.16
CA LEU A 233 -23.45 -17.05 11.79
C LEU A 233 -22.90 -17.60 13.10
N THR A 234 -21.58 -17.59 13.23
CA THR A 234 -20.92 -17.99 14.45
C THR A 234 -19.83 -16.98 14.77
N GLU A 235 -19.24 -17.14 15.95
CA GLU A 235 -18.12 -16.28 16.32
C GLU A 235 -16.95 -16.46 15.35
N ALA A 236 -16.86 -17.58 14.63
CA ALA A 236 -15.77 -17.68 13.65
C ALA A 236 -15.91 -16.59 12.59
N ASP A 237 -17.15 -16.31 12.14
CA ASP A 237 -17.37 -15.22 11.19
C ASP A 237 -17.03 -13.86 11.79
N VAL A 238 -17.42 -13.61 13.04
CA VAL A 238 -17.11 -12.34 13.68
C VAL A 238 -15.60 -12.12 13.76
N ARG A 239 -14.86 -13.15 14.18
CA ARG A 239 -13.44 -13.02 14.38
C ARG A 239 -12.70 -12.84 13.05
N LEU A 240 -13.13 -13.53 12.00
CA LEU A 240 -12.52 -13.29 10.68
C LEU A 240 -12.89 -11.92 10.16
N PHE A 241 -14.15 -11.52 10.36
CA PHE A 241 -14.65 -10.29 9.76
C PHE A 241 -13.83 -9.08 10.17
N VAL A 242 -13.51 -8.97 11.45
CA VAL A 242 -12.89 -7.73 11.90
C VAL A 242 -11.53 -7.54 11.25
N THR A 243 -10.85 -8.63 10.84
CA THR A 243 -9.62 -8.49 10.07
C THR A 243 -9.90 -8.20 8.59
N ILE A 244 -10.82 -8.94 7.99
CA ILE A 244 -11.05 -8.81 6.56
C ILE A 244 -11.65 -7.44 6.20
N ILE A 245 -12.48 -6.87 7.06
CA ILE A 245 -13.06 -5.55 6.77
C ILE A 245 -12.00 -4.45 6.78
N ARG A 246 -10.92 -4.65 7.51
CA ARG A 246 -9.81 -3.72 7.57
C ARG A 246 -8.75 -4.00 6.52
N PHE A 247 -8.95 -5.03 5.71
CA PHE A 247 -7.85 -5.48 4.85
C PHE A 247 -7.59 -4.49 3.69
N ASP A 248 -8.58 -4.26 2.86
CA ASP A 248 -8.31 -3.35 1.74
C ASP A 248 -8.08 -1.91 2.23
N PRO A 249 -8.83 -1.41 3.24
CA PRO A 249 -8.63 -0.03 3.70
C PRO A 249 -7.32 0.26 4.44
N ALA A 250 -6.66 -0.73 5.03
CA ALA A 250 -5.51 -0.45 5.86
C ALA A 250 -4.38 -1.48 5.77
N TYR A 251 -4.70 -2.77 5.79
CA TYR A 251 -3.65 -3.78 5.90
C TYR A 251 -2.87 -3.92 4.61
N VAL A 252 -3.56 -3.82 3.47
CA VAL A 252 -2.87 -3.94 2.17
C VAL A 252 -1.74 -2.93 2.07
N GLY A 253 -2.03 -1.65 2.32
CA GLY A 253 -1.04 -0.61 2.19
C GLY A 253 -0.13 -0.52 3.38
N HIS A 254 -0.72 -0.24 4.55
CA HIS A 254 0.06 0.09 5.74
C HIS A 254 0.85 -1.12 6.26
N PHE A 255 0.25 -2.30 6.24
CA PHE A 255 0.91 -3.51 6.70
C PHE A 255 1.51 -4.33 5.55
N LYS A 256 1.56 -3.79 4.36
CA LYS A 256 2.22 -4.45 3.22
C LYS A 256 1.67 -5.85 2.94
N CYS A 257 0.41 -6.09 3.30
CA CYS A 257 -0.25 -7.36 2.98
C CYS A 257 -0.92 -7.23 1.61
N ASN A 258 -0.07 -7.19 0.57
CA ASN A 258 -0.53 -6.71 -0.72
C ASN A 258 -0.33 -7.71 -1.86
N LEU A 259 -0.15 -9.00 -1.58
CA LEU A 259 -0.03 -9.94 -2.67
C LEU A 259 -1.23 -9.84 -3.58
N ARG A 260 -2.41 -9.68 -3.00
CA ARG A 260 -3.60 -9.29 -3.72
C ARG A 260 -4.59 -8.70 -2.70
N THR A 261 -5.67 -8.11 -3.19
CA THR A 261 -6.67 -7.48 -2.33
C THR A 261 -7.84 -8.45 -2.13
N ILE A 262 -8.69 -8.13 -1.15
CA ILE A 262 -9.91 -8.93 -1.00
C ILE A 262 -10.83 -8.71 -2.18
N ARG A 263 -11.07 -7.45 -2.55
CA ARG A 263 -12.08 -7.15 -3.55
C ARG A 263 -11.69 -7.68 -4.94
N ASP A 264 -10.42 -7.70 -5.26
CA ASP A 264 -10.01 -8.14 -6.59
C ASP A 264 -9.43 -9.54 -6.61
N GLY A 265 -8.98 -10.06 -5.48
CA GLY A 265 -8.30 -11.34 -5.47
C GLY A 265 -9.07 -12.49 -4.84
N TYR A 266 -10.11 -12.22 -4.03
CA TYR A 266 -10.79 -13.27 -3.27
C TYR A 266 -12.31 -13.13 -3.36
N PRO A 267 -12.90 -13.55 -4.48
CA PRO A 267 -14.35 -13.30 -4.66
C PRO A 267 -15.25 -13.95 -3.62
N ALA A 268 -14.98 -15.19 -3.23
CA ALA A 268 -15.83 -15.83 -2.20
C ALA A 268 -15.71 -15.12 -0.87
N ILE A 269 -14.50 -14.71 -0.50
CA ILE A 269 -14.36 -13.94 0.75
C ILE A 269 -15.04 -12.60 0.61
N HIS A 270 -14.83 -11.96 -0.54
CA HIS A 270 -15.43 -10.67 -0.80
C HIS A 270 -16.92 -10.73 -0.69
N LEU A 271 -17.53 -11.81 -1.21
CA LEU A 271 -18.98 -11.93 -1.16
C LEU A 271 -19.46 -12.14 0.27
N TRP A 272 -18.84 -13.10 0.99
CA TRP A 272 -19.13 -13.32 2.40
C TRP A 272 -19.02 -12.04 3.21
N LEU A 273 -18.01 -11.22 2.91
CA LEU A 273 -17.73 -10.00 3.68
C LEU A 273 -18.81 -8.95 3.46
N ARG A 274 -19.16 -8.74 2.19
CA ARG A 274 -20.20 -7.78 1.83
C ARG A 274 -21.58 -8.22 2.32
N LYS A 275 -21.87 -9.52 2.32
CA LYS A 275 -23.15 -9.93 2.89
C LYS A 275 -23.22 -9.61 4.38
N LEU A 276 -22.17 -9.92 5.13
CA LEU A 276 -22.16 -9.57 6.55
C LEU A 276 -22.30 -8.06 6.76
N TYR A 277 -21.47 -7.27 6.07
CA TYR A 277 -21.48 -5.82 6.28
C TYR A 277 -22.83 -5.21 5.87
N TRP A 278 -23.27 -5.48 4.62
CA TRP A 278 -24.45 -4.76 4.12
C TRP A 278 -25.77 -5.35 4.64
N ASN A 279 -25.82 -6.62 4.99
CA ASN A 279 -27.10 -7.22 5.36
C ASN A 279 -27.29 -7.35 6.87
N ASN A 280 -26.28 -7.06 7.69
CA ASN A 280 -26.40 -7.20 9.15
C ASN A 280 -25.87 -5.93 9.79
N SER A 281 -26.76 -5.13 10.37
CA SER A 281 -26.38 -3.83 10.92
C SER A 281 -25.40 -3.95 12.07
N ALA A 282 -25.34 -5.09 12.72
CA ALA A 282 -24.33 -5.25 13.77
C ALA A 282 -22.92 -5.09 13.23
N PHE A 283 -22.69 -5.43 11.96
CA PHE A 283 -21.37 -5.36 11.36
C PHE A 283 -21.04 -3.99 10.75
N SER A 284 -22.02 -3.29 10.20
CA SER A 284 -21.77 -1.99 9.59
C SER A 284 -21.81 -0.85 10.61
N GLU A 285 -22.77 -0.86 11.55
CA GLU A 285 -22.89 0.25 12.50
C GLU A 285 -21.70 0.34 13.45
N THR A 286 -20.97 -0.76 13.64
CA THR A 286 -19.78 -0.81 14.48
C THR A 286 -18.50 -0.65 13.69
N CYS A 287 -18.61 -0.41 12.38
CA CYS A 287 -17.48 -0.29 11.48
C CYS A 287 -17.27 1.18 11.14
N LYS A 288 -16.21 1.77 11.70
CA LYS A 288 -15.91 3.17 11.50
C LYS A 288 -14.60 3.23 10.74
N PHE A 289 -14.67 3.35 9.42
CA PHE A 289 -13.45 3.30 8.62
C PHE A 289 -12.55 4.47 8.92
N ASP A 290 -13.10 5.61 9.36
CA ASP A 290 -12.23 6.73 9.66
C ASP A 290 -11.41 6.48 10.91
N HIS A 291 -12.00 5.84 11.93
CA HIS A 291 -11.22 5.42 13.08
C HIS A 291 -10.14 4.43 12.67
N ILE A 292 -10.54 3.41 11.90
CA ILE A 292 -9.61 2.37 11.44
C ILE A 292 -8.41 2.99 10.76
N LYS A 293 -8.65 3.84 9.74
CA LYS A 293 -7.51 4.35 8.99
C LYS A 293 -6.69 5.31 9.83
N ALA A 294 -7.35 6.06 10.71
CA ALA A 294 -6.60 7.01 11.52
C ALA A 294 -5.65 6.31 12.48
N SER A 295 -6.10 5.22 13.13
CA SER A 295 -5.21 4.55 14.07
C SER A 295 -4.03 3.94 13.33
N TYR A 296 -4.29 3.18 12.28
CA TYR A 296 -3.19 2.48 11.64
C TYR A 296 -2.19 3.47 11.07
N TYR A 297 -2.67 4.47 10.32
CA TYR A 297 -1.70 5.32 9.64
C TYR A 297 -1.02 6.32 10.56
N ALA A 298 -1.47 6.44 11.81
CA ALA A 298 -0.72 7.21 12.79
C ALA A 298 0.37 6.41 13.49
N GLN A 299 0.57 5.14 13.14
CA GLN A 299 1.67 4.34 13.71
C GLN A 299 2.99 4.81 13.09
N LYS A 300 3.68 5.69 13.82
CA LYS A 300 4.77 6.47 13.27
C LYS A 300 6.04 5.65 13.00
N ASN A 301 6.22 4.50 13.66
CA ASN A 301 7.35 3.62 13.37
C ASN A 301 7.20 2.90 12.03
N VAL A 302 5.98 2.76 11.54
CA VAL A 302 5.69 2.22 10.21
C VAL A 302 5.51 3.34 9.20
N ASN A 303 4.78 4.41 9.55
CA ASN A 303 4.37 5.46 8.62
C ASN A 303 4.74 6.80 9.24
N PRO A 304 6.02 7.20 9.20
CA PRO A 304 6.43 8.40 9.93
C PRO A 304 5.80 9.69 9.45
N THR A 305 5.47 9.80 8.15
CA THR A 305 4.86 11.03 7.69
C THR A 305 3.50 11.26 8.30
N LEU A 306 2.87 10.20 8.84
CA LEU A 306 1.54 10.24 9.44
C LEU A 306 0.43 10.55 8.44
N VAL A 307 0.72 10.54 7.13
CA VAL A 307 -0.30 10.81 6.13
C VAL A 307 -1.26 9.63 6.03
N VAL A 308 -2.55 9.94 5.88
CA VAL A 308 -3.60 8.93 5.74
C VAL A 308 -4.00 8.88 4.27
N PRO A 309 -3.74 7.78 3.56
CA PRO A 309 -4.14 7.73 2.14
C PRO A 309 -5.65 7.88 1.97
N LEU A 310 -6.03 8.46 0.84
CA LEU A 310 -7.44 8.69 0.59
C LEU A 310 -8.16 7.44 0.11
N GLY A 311 -7.43 6.48 -0.46
CA GLY A 311 -8.04 5.28 -0.93
C GLY A 311 -7.93 4.17 0.09
N PRO A 312 -8.46 2.98 -0.25
CA PRO A 312 -9.22 2.75 -1.47
C PRO A 312 -10.62 3.37 -1.46
N ILE A 313 -11.16 3.60 -2.64
CA ILE A 313 -12.51 4.12 -2.78
C ILE A 313 -13.29 3.06 -3.50
N PRO A 314 -14.37 2.56 -2.86
CA PRO A 314 -14.91 2.82 -1.54
C PRO A 314 -14.22 1.96 -0.49
N ASN A 315 -14.47 2.25 0.78
CA ASN A 315 -13.96 1.38 1.85
C ASN A 315 -14.44 -0.05 1.69
N ILE A 316 -15.70 -0.25 1.27
CA ILE A 316 -16.20 -1.60 0.95
C ILE A 316 -17.23 -1.49 -0.17
N LEU A 317 -17.03 -2.30 -1.20
CA LEU A 317 -17.91 -2.25 -2.36
C LEU A 317 -19.34 -2.69 -2.01
N PRO A 318 -20.33 -2.11 -2.68
CA PRO A 318 -21.72 -2.59 -2.54
C PRO A 318 -21.88 -4.04 -2.99
N LEU A 319 -22.95 -4.66 -2.53
CA LEU A 319 -23.47 -5.87 -3.19
C LEU A 319 -24.07 -5.48 -4.53
N THR B 30 20.64 20.73 -15.89
CA THR B 30 21.45 21.85 -16.36
C THR B 30 22.43 21.47 -17.48
N PHE B 31 22.34 20.25 -18.04
CA PHE B 31 23.11 19.86 -19.22
C PHE B 31 22.13 19.59 -20.35
N ARG B 32 22.07 20.49 -21.33
CA ARG B 32 20.99 20.44 -22.30
C ARG B 32 21.53 20.55 -23.70
N ARG B 33 22.64 19.86 -23.97
CA ARG B 33 23.23 19.85 -25.29
C ARG B 33 22.65 18.70 -26.12
N PHE B 34 22.77 18.84 -27.43
CA PHE B 34 22.27 17.91 -28.41
C PHE B 34 23.43 17.38 -29.24
N ILE B 35 23.13 16.39 -30.04
CA ILE B 35 24.12 15.68 -30.85
C ILE B 35 23.76 15.96 -32.30
N GLU B 36 24.61 16.72 -33.00
CA GLU B 36 24.27 17.23 -34.33
C GLU B 36 25.51 17.34 -35.21
N LYS B 37 25.30 17.11 -36.51
CA LYS B 37 26.34 17.29 -37.51
C LYS B 37 26.87 18.71 -37.49
N GLY B 38 28.19 18.83 -37.38
CA GLY B 38 28.82 20.12 -37.34
C GLY B 38 28.82 20.78 -35.97
N GLY B 39 28.18 20.18 -34.97
CA GLY B 39 28.05 20.79 -33.67
C GLY B 39 29.11 20.32 -32.70
N GLU B 40 28.91 20.69 -31.44
CA GLU B 40 29.86 20.34 -30.40
C GLU B 40 30.00 18.85 -30.27
N PHE B 41 28.90 18.12 -30.48
CA PHE B 41 28.80 16.68 -30.18
C PHE B 41 28.34 16.00 -31.47
N GLU B 42 29.30 15.60 -32.29
CA GLU B 42 29.01 15.00 -33.57
C GLU B 42 28.40 13.62 -33.40
N PRO B 43 27.39 13.28 -34.20
CA PRO B 43 26.86 11.90 -34.20
C PRO B 43 27.95 10.88 -34.53
N GLU B 44 28.18 9.96 -33.60
CA GLU B 44 29.15 8.88 -33.85
C GLU B 44 28.69 7.62 -33.14
N LYS B 45 29.12 6.49 -33.67
CA LYS B 45 28.95 5.20 -33.01
C LYS B 45 30.09 4.97 -32.03
N GLY B 46 29.76 4.45 -30.85
CA GLY B 46 30.80 4.10 -29.89
C GLY B 46 31.32 5.24 -29.04
N ARG B 47 30.74 6.42 -29.14
CA ARG B 47 31.24 7.61 -28.44
C ARG B 47 30.39 8.01 -27.25
N TYR B 48 29.08 7.84 -27.34
CA TYR B 48 28.17 8.32 -26.32
C TYR B 48 27.66 7.15 -25.48
N HIS B 49 27.41 7.43 -24.22
CA HIS B 49 27.17 6.39 -23.27
C HIS B 49 26.12 6.84 -22.30
N LEU B 50 25.21 5.93 -21.98
CA LEU B 50 24.10 6.19 -21.09
C LEU B 50 24.34 5.58 -19.73
N TYR B 51 24.29 6.40 -18.68
CA TYR B 51 24.31 5.90 -17.30
C TYR B 51 22.88 6.06 -16.73
N VAL B 52 22.32 4.95 -16.25
CA VAL B 52 20.90 4.88 -15.89
C VAL B 52 20.73 3.96 -14.69
N ALA B 53 19.60 4.15 -13.99
CA ALA B 53 19.09 3.19 -13.03
C ALA B 53 17.80 2.61 -13.59
N TYR B 54 17.64 1.28 -13.51
CA TYR B 54 16.38 0.65 -13.92
C TYR B 54 15.22 1.12 -13.06
N SER B 55 15.50 1.56 -11.85
CA SER B 55 14.37 1.94 -11.02
C SER B 55 13.77 3.26 -11.47
N SER B 56 14.59 4.12 -12.05
CA SER B 56 14.20 5.50 -12.28
C SER B 56 13.30 5.55 -13.51
N PRO B 57 12.05 6.06 -13.40
CA PRO B 57 11.21 6.13 -14.60
C PRO B 57 11.78 7.07 -15.63
N TRP B 58 12.45 8.13 -15.16
CA TRP B 58 13.06 9.09 -16.08
C TRP B 58 14.17 8.44 -16.87
N ALA B 59 15.05 7.72 -16.20
CA ALA B 59 16.12 7.05 -16.94
C ALA B 59 15.58 5.93 -17.80
N THR B 60 14.50 5.27 -17.36
CA THR B 60 13.96 4.16 -18.13
C THR B 60 13.39 4.64 -19.45
N ARG B 61 12.82 5.84 -19.50
CA ARG B 61 12.45 6.44 -20.78
C ARG B 61 13.57 6.24 -21.78
N THR B 62 14.79 6.63 -21.39
CA THR B 62 15.90 6.59 -22.32
C THR B 62 16.29 5.15 -22.67
N LEU B 63 16.18 4.24 -21.72
CA LEU B 63 16.42 2.82 -22.02
C LEU B 63 15.45 2.28 -23.06
N ILE B 64 14.17 2.63 -22.89
CA ILE B 64 13.12 2.15 -23.79
C ILE B 64 13.39 2.62 -25.21
N VAL B 65 13.68 3.92 -25.37
CA VAL B 65 13.86 4.46 -26.71
C VAL B 65 15.17 3.95 -27.32
N ARG B 66 16.21 3.78 -26.51
CA ARG B 66 17.43 3.14 -26.99
C ARG B 66 17.12 1.81 -27.67
N LYS B 67 16.22 1.03 -27.08
CA LYS B 67 15.86 -0.25 -27.68
C LYS B 67 14.90 -0.08 -28.86
N ILE B 68 13.91 0.81 -28.74
CA ILE B 68 12.98 1.05 -29.86
C ILE B 68 13.74 1.37 -31.14
N LYS B 69 14.78 2.20 -31.02
CA LYS B 69 15.53 2.71 -32.16
C LYS B 69 16.71 1.84 -32.53
N GLY B 70 16.90 0.73 -31.84
CA GLY B 70 17.97 -0.18 -32.17
C GLY B 70 19.36 0.40 -31.95
N LEU B 71 19.54 1.18 -30.87
CA LEU B 71 20.80 1.86 -30.62
C LEU B 71 21.73 1.08 -29.69
N GLU B 72 21.46 -0.20 -29.43
CA GLU B 72 22.20 -0.89 -28.38
C GLU B 72 23.70 -0.97 -28.67
N GLU B 73 24.09 -1.14 -29.94
CA GLU B 73 25.49 -1.21 -30.29
C GLU B 73 26.06 0.12 -30.76
N ILE B 74 25.29 1.19 -30.60
CA ILE B 74 25.70 2.52 -31.03
C ILE B 74 25.95 3.43 -29.84
N VAL B 75 25.09 3.34 -28.83
CA VAL B 75 25.20 4.09 -27.57
C VAL B 75 25.27 3.05 -26.46
N GLY B 76 26.36 3.03 -25.71
CA GLY B 76 26.53 2.06 -24.64
C GLY B 76 25.64 2.40 -23.44
N VAL B 77 25.55 1.46 -22.51
CA VAL B 77 24.74 1.67 -21.32
C VAL B 77 25.41 1.00 -20.12
N THR B 78 25.40 1.71 -18.98
CA THR B 78 25.79 1.15 -17.69
C THR B 78 24.65 1.33 -16.70
N ILE B 79 24.31 0.24 -15.99
CA ILE B 79 23.22 0.20 -15.03
C ILE B 79 23.80 0.41 -13.64
N VAL B 80 23.38 1.48 -12.96
CA VAL B 80 23.83 1.69 -11.60
C VAL B 80 23.03 0.86 -10.62
N SER B 81 23.51 0.77 -9.38
CA SER B 81 22.78 0.07 -8.34
C SER B 81 21.48 0.80 -8.01
N PRO B 82 20.38 0.07 -7.83
CA PRO B 82 19.13 0.76 -7.44
C PRO B 82 19.11 1.17 -5.97
N LEU B 83 20.13 0.80 -5.20
CA LEU B 83 20.20 1.03 -3.76
C LEU B 83 20.78 2.41 -3.51
N PHE B 84 19.95 3.41 -3.76
CA PHE B 84 20.30 4.81 -3.59
C PHE B 84 20.91 5.02 -2.21
N SER B 85 21.97 5.82 -2.14
CA SER B 85 22.79 5.93 -0.94
C SER B 85 22.87 7.38 -0.47
N ALA B 86 23.55 7.56 0.68
CA ALA B 86 23.85 8.91 1.13
C ALA B 86 24.67 9.69 0.09
N HIS B 87 25.38 9.01 -0.80
CA HIS B 87 26.17 9.70 -1.83
C HIS B 87 25.50 9.66 -3.19
N GLY B 88 24.24 9.25 -3.23
CA GLY B 88 23.49 9.18 -4.47
C GLY B 88 23.55 7.79 -5.09
N TRP B 89 23.39 7.72 -6.40
CA TRP B 89 23.36 6.45 -7.10
C TRP B 89 24.74 5.80 -7.03
N PRO B 90 24.91 4.64 -6.40
CA PRO B 90 26.18 3.93 -6.46
C PRO B 90 26.27 3.05 -7.70
N PHE B 91 27.50 2.69 -8.03
CA PHE B 91 27.70 1.64 -9.02
C PHE B 91 27.63 0.25 -8.37
N GLY B 92 27.55 -0.75 -9.24
CA GLY B 92 27.26 -2.11 -8.83
C GLY B 92 28.36 -2.76 -8.02
N ASP B 93 29.62 -2.39 -8.24
CA ASP B 93 30.68 -2.90 -7.37
C ASP B 93 30.60 -2.28 -5.98
N VAL B 94 30.08 -1.06 -5.85
CA VAL B 94 29.97 -0.40 -4.54
C VAL B 94 28.79 -0.93 -3.75
N SER B 95 27.65 -1.13 -4.41
CA SER B 95 26.42 -1.58 -3.75
CA SER B 95 26.42 -1.57 -3.76
C SER B 95 25.80 -2.66 -4.61
N PRO B 96 26.28 -3.91 -4.49
CA PRO B 96 25.89 -4.96 -5.42
C PRO B 96 24.40 -5.22 -5.44
N PHE B 97 23.87 -5.52 -6.63
CA PHE B 97 22.47 -5.84 -6.84
C PHE B 97 22.41 -6.55 -8.18
N PRO B 98 21.63 -7.63 -8.32
CA PRO B 98 21.64 -8.35 -9.61
C PRO B 98 21.35 -7.44 -10.79
N GLY B 99 22.25 -7.41 -11.76
CA GLY B 99 22.07 -6.59 -12.94
C GLY B 99 22.74 -5.23 -12.86
N ALA B 100 23.15 -4.79 -11.68
CA ALA B 100 23.87 -3.54 -11.52
C ALA B 100 25.35 -3.74 -11.83
N GLU B 101 25.94 -2.76 -12.47
CA GLU B 101 27.25 -2.87 -13.10
C GLU B 101 28.22 -1.85 -12.54
N ALA B 102 29.50 -2.21 -12.58
CA ALA B 102 30.58 -1.26 -12.36
C ALA B 102 30.70 -0.28 -13.53
N ASP B 103 31.10 0.96 -13.23
CA ASP B 103 31.47 1.94 -14.24
C ASP B 103 32.60 1.39 -15.10
N PRO B 104 32.40 1.24 -16.42
CA PRO B 104 33.48 0.69 -17.25
C PRO B 104 34.62 1.65 -17.54
N PHE B 105 34.50 2.93 -17.22
CA PHE B 105 35.46 3.87 -17.79
C PHE B 105 36.31 4.62 -16.78
N TYR B 106 35.76 5.03 -15.62
CA TYR B 106 36.49 5.93 -14.74
C TYR B 106 36.61 5.39 -13.31
N ASN B 107 36.28 4.12 -13.09
CA ASN B 107 36.18 3.53 -11.74
C ASN B 107 35.33 4.42 -10.84
N ALA B 108 34.29 4.99 -11.41
CA ALA B 108 33.43 5.87 -10.65
C ALA B 108 32.74 5.06 -9.58
N GLN B 109 32.62 5.64 -8.38
CA GLN B 109 31.95 4.96 -7.28
C GLN B 109 30.47 5.33 -7.22
N TYR B 110 30.14 6.58 -7.55
CA TYR B 110 28.79 7.09 -7.54
C TYR B 110 28.61 7.94 -8.77
N VAL B 111 27.35 8.12 -9.18
CA VAL B 111 27.10 8.93 -10.36
C VAL B 111 27.68 10.34 -10.19
N ARG B 112 27.72 10.87 -8.96
CA ARG B 112 28.26 12.20 -8.79
C ARG B 112 29.72 12.28 -9.29
N ASP B 113 30.46 11.16 -9.27
CA ASP B 113 31.83 11.19 -9.76
C ASP B 113 31.88 11.48 -11.26
N LEU B 114 30.83 11.14 -12.01
CA LEU B 114 30.80 11.50 -13.44
C LEU B 114 30.57 12.99 -13.59
N TYR B 115 29.58 13.52 -12.90
CA TYR B 115 29.33 14.95 -12.96
C TYR B 115 30.54 15.75 -12.56
N LEU B 116 31.22 15.35 -11.48
CA LEU B 116 32.36 16.17 -11.02
C LEU B 116 33.56 16.04 -11.96
N ARG B 117 33.66 14.93 -12.69
CA ARG B 117 34.66 14.83 -13.75
C ARG B 117 34.32 15.78 -14.92
N ALA B 118 33.03 15.88 -15.28
CA ALA B 118 32.63 16.83 -16.32
C ALA B 118 32.79 18.28 -15.86
N ASP B 119 32.44 18.58 -14.62
CA ASP B 119 32.46 19.95 -14.12
C ASP B 119 32.72 19.90 -12.61
N PRO B 120 33.96 20.11 -12.16
CA PRO B 120 34.25 19.98 -10.73
C PRO B 120 33.44 20.92 -9.87
N LYS B 121 32.84 21.96 -10.44
CA LYS B 121 32.06 22.94 -9.69
C LYS B 121 30.56 22.74 -9.86
N TYR B 122 30.13 21.65 -10.51
CA TYR B 122 28.70 21.41 -10.66
C TYR B 122 27.99 21.45 -9.30
N GLU B 123 26.83 22.10 -9.27
CA GLU B 123 26.08 22.18 -8.02
C GLU B 123 24.64 21.73 -8.16
N GLY B 124 24.26 21.15 -9.29
CA GLY B 124 22.97 20.54 -9.44
C GLY B 124 22.93 19.19 -8.76
N ARG B 125 21.82 18.49 -9.00
CA ARG B 125 21.61 17.15 -8.51
C ARG B 125 22.31 16.15 -9.43
N PHE B 126 22.75 15.03 -8.86
CA PHE B 126 23.53 14.03 -9.57
C PHE B 126 22.60 12.94 -10.12
N THR B 127 21.72 13.36 -11.01
CA THR B 127 20.59 12.51 -11.39
C THR B 127 20.94 11.57 -12.54
N VAL B 128 20.19 10.46 -12.61
CA VAL B 128 20.12 9.69 -13.85
C VAL B 128 18.86 10.14 -14.59
N PRO B 129 18.86 10.03 -15.93
CA PRO B 129 19.92 9.50 -16.77
C PRO B 129 21.03 10.49 -17.08
N VAL B 130 22.21 9.99 -17.47
CA VAL B 130 23.31 10.81 -17.94
C VAL B 130 23.65 10.33 -19.33
N LEU B 131 23.52 11.20 -20.33
CA LEU B 131 24.06 10.90 -21.65
C LEU B 131 25.46 11.51 -21.69
N TRP B 132 26.47 10.65 -21.77
CA TRP B 132 27.86 10.98 -21.49
C TRP B 132 28.67 10.91 -22.78
N ASP B 133 29.59 11.85 -22.95
CA ASP B 133 30.52 11.85 -24.06
C ASP B 133 31.84 11.27 -23.59
N LYS B 134 32.18 10.08 -24.09
CA LYS B 134 33.45 9.45 -23.76
C LYS B 134 34.66 10.20 -24.33
N LYS B 135 34.48 10.96 -25.40
CA LYS B 135 35.60 11.65 -26.02
C LYS B 135 36.04 12.86 -25.19
N THR B 136 35.15 13.82 -24.94
CA THR B 136 35.51 15.01 -24.16
C THR B 136 35.23 14.85 -22.68
N GLU B 137 34.66 13.73 -22.27
CA GLU B 137 34.44 13.44 -20.85
C GLU B 137 33.56 14.52 -20.21
N THR B 138 32.34 14.64 -20.75
CA THR B 138 31.38 15.58 -20.23
C THR B 138 29.99 14.97 -20.33
N VAL B 139 29.04 15.59 -19.63
CA VAL B 139 27.64 15.25 -19.75
C VAL B 139 27.07 16.03 -20.94
N VAL B 140 26.63 15.32 -21.97
CA VAL B 140 25.96 15.99 -23.08
C VAL B 140 24.62 16.54 -22.63
N ASN B 141 23.80 15.68 -22.05
CA ASN B 141 22.42 15.97 -21.69
C ASN B 141 22.02 15.07 -20.54
N ASN B 142 21.38 15.65 -19.53
CA ASN B 142 20.83 14.85 -18.45
C ASN B 142 19.33 15.14 -18.29
N GLU B 143 18.65 15.55 -19.36
CA GLU B 143 17.19 15.69 -19.34
C GLU B 143 16.58 14.54 -20.15
N SER B 144 15.86 13.65 -19.47
CA SER B 144 15.35 12.45 -20.15
C SER B 144 14.43 12.82 -21.30
N SER B 145 13.65 13.89 -21.15
CA SER B 145 12.79 14.35 -22.23
C SER B 145 13.60 14.77 -23.46
N GLU B 146 14.85 15.24 -23.28
CA GLU B 146 15.64 15.65 -24.42
C GLU B 146 16.48 14.51 -24.95
N ILE B 147 16.99 13.63 -24.08
CA ILE B 147 17.73 12.47 -24.55
C ILE B 147 16.86 11.64 -25.50
N ILE B 148 15.59 11.41 -25.15
CA ILE B 148 14.81 10.52 -26.02
C ILE B 148 14.55 11.18 -27.38
N ARG B 149 14.49 12.51 -27.47
CA ARG B 149 14.36 13.15 -28.79
C ARG B 149 15.67 13.09 -29.57
N ILE B 150 16.81 13.24 -28.88
CA ILE B 150 18.10 12.99 -29.54
C ILE B 150 18.09 11.64 -30.24
N PHE B 151 17.65 10.62 -29.52
CA PHE B 151 17.65 9.27 -30.07
C PHE B 151 16.74 9.12 -31.28
N ASN B 152 15.83 10.06 -31.54
CA ASN B 152 14.93 9.94 -32.68
C ASN B 152 15.66 9.99 -34.00
N THR B 153 16.64 10.88 -34.10
CA THR B 153 17.24 11.16 -35.40
C THR B 153 18.76 11.16 -35.38
N ALA B 154 19.37 11.52 -34.25
CA ALA B 154 20.80 11.84 -34.30
C ALA B 154 21.64 10.70 -34.83
N PHE B 155 21.18 9.45 -34.65
CA PHE B 155 22.00 8.28 -35.02
C PHE B 155 21.45 7.53 -36.22
N ASN B 156 20.53 8.11 -36.98
CA ASN B 156 19.89 7.34 -38.03
C ASN B 156 20.87 6.85 -39.07
N GLU B 157 21.99 7.55 -39.27
CA GLU B 157 22.93 7.11 -40.29
C GLU B 157 23.54 5.76 -39.93
N PHE B 158 23.43 5.33 -38.68
CA PHE B 158 24.06 4.09 -38.24
C PHE B 158 23.08 2.93 -38.16
N LEU B 159 21.82 3.14 -38.56
CA LEU B 159 20.73 2.22 -38.30
C LEU B 159 20.23 1.56 -39.57
N PRO B 160 19.71 0.35 -39.48
CA PRO B 160 18.96 -0.21 -40.61
C PRO B 160 17.75 0.67 -40.91
N ALA B 161 17.28 0.56 -42.15
CA ALA B 161 16.16 1.38 -42.60
C ALA B 161 14.98 1.34 -41.64
N ASP B 162 14.64 0.16 -41.13
CA ASP B 162 13.39 0.10 -40.37
C ASP B 162 13.55 0.85 -39.05
N LYS B 163 14.68 0.69 -38.36
CA LYS B 163 14.89 1.41 -37.12
C LYS B 163 15.05 2.90 -37.39
N ALA B 164 15.70 3.26 -38.50
CA ALA B 164 15.92 4.68 -38.81
C ALA B 164 14.61 5.39 -39.11
N ALA B 165 13.63 4.68 -39.64
CA ALA B 165 12.36 5.31 -39.99
C ALA B 165 11.51 5.63 -38.76
N ILE B 166 11.72 4.93 -37.65
CA ILE B 166 10.96 5.19 -36.44
C ILE B 166 11.23 6.61 -35.94
N HIS B 167 10.16 7.34 -35.65
CA HIS B 167 10.30 8.68 -35.08
C HIS B 167 9.17 8.87 -34.06
N LEU B 168 9.51 9.09 -32.81
CA LEU B 168 8.53 9.15 -31.74
C LEU B 168 8.01 10.54 -31.46
N TYR B 169 8.40 11.52 -32.25
CA TYR B 169 7.97 12.90 -32.09
C TYR B 169 7.81 13.53 -33.47
N PRO B 170 6.98 12.96 -34.34
CA PRO B 170 6.87 13.47 -35.71
C PRO B 170 6.17 14.81 -35.76
N GLU B 171 6.56 15.61 -36.74
CA GLU B 171 6.08 16.99 -36.82
C GLU B 171 4.56 17.04 -36.82
N ALA B 172 3.90 16.10 -37.51
CA ALA B 172 2.44 16.10 -37.63
C ALA B 172 1.72 15.92 -36.30
N LEU B 173 2.38 15.26 -35.35
CA LEU B 173 1.78 14.94 -34.06
C LEU B 173 2.36 15.77 -32.93
N LYS B 174 3.36 16.59 -33.23
CA LYS B 174 4.07 17.32 -32.19
C LYS B 174 3.12 18.06 -31.26
N SER B 175 2.22 18.87 -31.82
CA SER B 175 1.42 19.73 -30.95
C SER B 175 0.50 18.90 -30.05
N GLU B 176 -0.05 17.80 -30.57
CA GLU B 176 -0.87 16.94 -29.74
C GLU B 176 -0.03 16.22 -28.67
N ILE B 177 1.17 15.77 -29.03
CA ILE B 177 2.07 15.17 -28.06
C ILE B 177 2.40 16.15 -26.95
N ASP B 178 2.73 17.39 -27.34
CA ASP B 178 3.10 18.40 -26.37
C ASP B 178 1.97 18.67 -25.40
N GLU B 179 0.73 18.66 -25.89
CA GLU B 179 -0.39 19.02 -25.03
C GLU B 179 -0.61 17.96 -23.97
N ILE B 180 -0.54 16.68 -24.36
CA ILE B 180 -0.82 15.60 -23.42
C ILE B 180 0.37 15.42 -22.47
N ASN B 181 1.59 15.59 -22.99
CA ASN B 181 2.78 15.52 -22.15
C ASN B 181 2.74 16.55 -21.04
N GLU B 182 2.16 17.71 -21.29
CA GLU B 182 2.21 18.79 -20.32
C GLU B 182 1.47 18.40 -19.03
N TRP B 183 0.23 17.94 -19.15
CA TRP B 183 -0.49 17.56 -17.95
C TRP B 183 -0.12 16.15 -17.47
N VAL B 184 0.31 15.25 -18.36
CA VAL B 184 0.81 13.98 -17.86
C VAL B 184 2.05 14.21 -17.00
N TYR B 185 2.97 15.04 -17.49
CA TYR B 185 4.17 15.38 -16.71
C TYR B 185 3.80 15.97 -15.35
N ASP B 186 2.99 17.02 -15.36
CA ASP B 186 2.70 17.75 -14.12
C ASP B 186 1.93 16.87 -13.12
N THR B 187 0.88 16.19 -13.58
CA THR B 187 -0.06 15.56 -12.66
C THR B 187 0.16 14.06 -12.48
N VAL B 188 0.90 13.40 -13.39
CA VAL B 188 1.03 11.95 -13.33
C VAL B 188 2.51 11.59 -13.11
N ASN B 189 3.40 11.92 -14.06
CA ASN B 189 4.81 11.56 -13.90
C ASN B 189 5.39 12.15 -12.62
N ASN B 190 5.21 13.46 -12.42
CA ASN B 190 5.60 14.11 -11.18
C ASN B 190 4.57 13.92 -10.07
N GLY B 191 3.31 13.70 -10.41
CA GLY B 191 2.27 13.70 -9.40
C GLY B 191 2.43 12.57 -8.40
N VAL B 192 2.86 11.41 -8.87
CA VAL B 192 3.05 10.30 -7.93
C VAL B 192 4.11 10.66 -6.90
N TYR B 193 5.15 11.35 -7.34
CA TYR B 193 6.20 11.80 -6.43
C TYR B 193 5.69 12.85 -5.47
N LYS B 194 4.95 13.85 -5.99
CA LYS B 194 4.37 14.86 -5.13
C LYS B 194 3.49 14.21 -4.06
N ALA B 195 2.68 13.21 -4.43
CA ALA B 195 1.86 12.54 -3.43
C ALA B 195 2.71 11.75 -2.45
N GLY B 196 3.74 11.05 -2.96
CA GLY B 196 4.46 10.10 -2.13
C GLY B 196 5.43 10.74 -1.16
N PHE B 197 6.03 11.86 -1.55
CA PHE B 197 6.98 12.57 -0.70
C PHE B 197 6.35 13.76 0.02
N ALA B 198 5.05 13.97 -0.13
CA ALA B 198 4.37 15.00 0.65
C ALA B 198 4.48 14.67 2.13
N THR B 199 4.74 15.67 2.97
CA THR B 199 4.85 15.45 4.40
C THR B 199 3.68 16.01 5.19
N THR B 200 2.65 16.52 4.53
CA THR B 200 1.41 16.90 5.19
C THR B 200 0.24 16.28 4.46
N GLN B 201 -0.81 16.02 5.24
CA GLN B 201 -2.07 15.55 4.68
C GLN B 201 -2.51 16.44 3.52
N GLN B 202 -2.43 17.77 3.71
CA GLN B 202 -2.92 18.69 2.69
C GLN B 202 -2.15 18.54 1.39
N ALA B 203 -0.82 18.51 1.46
CA ALA B 203 -0.03 18.44 0.24
C ALA B 203 -0.18 17.08 -0.43
N TYR B 204 -0.39 16.01 0.36
CA TYR B 204 -0.62 14.69 -0.23
C TYR B 204 -1.92 14.70 -0.99
N GLU B 205 -2.99 15.26 -0.41
CA GLU B 205 -4.28 15.29 -1.07
C GLU B 205 -4.27 16.18 -2.31
N ALA B 206 -3.56 17.31 -2.24
CA ALA B 206 -3.43 18.22 -3.37
C ALA B 206 -2.77 17.57 -4.59
N ALA B 207 -1.92 16.56 -4.37
CA ALA B 207 -1.27 15.85 -5.46
C ALA B 207 -2.07 14.64 -5.91
N VAL B 208 -2.57 13.85 -4.95
CA VAL B 208 -3.16 12.59 -5.31
C VAL B 208 -4.47 12.77 -6.03
N ILE B 209 -5.24 13.81 -5.72
CA ILE B 209 -6.55 13.97 -6.37
C ILE B 209 -6.36 14.29 -7.85
N PRO B 210 -5.56 15.29 -8.23
CA PRO B 210 -5.32 15.52 -9.66
C PRO B 210 -4.65 14.35 -10.37
N LEU B 211 -3.86 13.54 -9.66
CA LEU B 211 -3.29 12.35 -10.27
C LEU B 211 -4.41 11.45 -10.77
N PHE B 212 -5.37 11.12 -9.91
CA PHE B 212 -6.43 10.22 -10.33
C PHE B 212 -7.41 10.89 -11.28
N GLU B 213 -7.62 12.20 -11.17
CA GLU B 213 -8.42 12.85 -12.21
C GLU B 213 -7.76 12.72 -13.58
N SER B 214 -6.44 12.82 -13.63
CA SER B 214 -5.75 12.66 -14.92
C SER B 214 -5.76 11.21 -15.40
N LEU B 215 -5.72 10.23 -14.48
CA LEU B 215 -5.93 8.85 -14.89
C LEU B 215 -7.32 8.64 -15.47
N ASP B 216 -8.35 9.23 -14.85
CA ASP B 216 -9.69 9.21 -15.43
C ASP B 216 -9.69 9.77 -16.84
N ARG B 217 -8.97 10.87 -17.04
CA ARG B 217 -8.91 11.49 -18.36
C ARG B 217 -8.18 10.59 -19.35
N LEU B 218 -7.12 9.93 -18.89
CA LEU B 218 -6.37 9.04 -19.78
C LEU B 218 -7.17 7.79 -20.11
N GLU B 219 -7.96 7.31 -19.15
CA GLU B 219 -8.83 6.17 -19.33
C GLU B 219 -9.78 6.41 -20.51
N LYS B 220 -10.39 7.60 -20.57
CA LYS B 220 -11.26 7.93 -21.69
C LYS B 220 -10.50 7.99 -23.01
N ILE B 221 -9.33 8.64 -23.02
CA ILE B 221 -8.51 8.71 -24.22
C ILE B 221 -8.19 7.32 -24.75
N LEU B 222 -7.81 6.40 -23.88
CA LEU B 222 -7.29 5.12 -24.33
C LEU B 222 -8.38 4.10 -24.59
N THR B 223 -9.61 4.40 -24.25
CA THR B 223 -10.69 3.44 -24.48
C THR B 223 -10.77 3.14 -25.96
N GLY B 224 -10.62 1.87 -26.31
CA GLY B 224 -10.63 1.46 -27.70
C GLY B 224 -9.42 1.88 -28.52
N LYS B 225 -8.31 2.29 -27.90
CA LYS B 225 -7.13 2.72 -28.64
C LYS B 225 -5.90 2.02 -28.11
N ASP B 226 -4.87 1.91 -28.96
CA ASP B 226 -3.63 1.26 -28.57
C ASP B 226 -2.56 2.26 -28.19
N TYR B 227 -2.73 3.51 -28.57
CA TYR B 227 -1.75 4.57 -28.39
C TYR B 227 -2.47 5.86 -28.05
N LEU B 228 -1.77 6.71 -27.30
CA LEU B 228 -2.34 7.97 -26.85
C LEU B 228 -2.64 8.92 -28.00
N VAL B 229 -1.76 8.97 -29.01
CA VAL B 229 -1.76 10.02 -30.03
C VAL B 229 -1.57 9.37 -31.40
N GLY B 230 -2.45 9.72 -32.35
CA GLY B 230 -2.19 9.45 -33.76
C GLY B 230 -2.20 7.99 -34.16
N ASP B 231 -2.75 7.13 -33.33
CA ASP B 231 -2.81 5.68 -33.59
C ASP B 231 -1.44 5.08 -33.90
N GLN B 232 -0.38 5.63 -33.30
CA GLN B 232 0.94 5.02 -33.42
C GLN B 232 1.74 5.32 -32.15
N LEU B 233 2.77 4.52 -31.96
CA LEU B 233 3.63 4.68 -30.80
C LEU B 233 4.36 6.02 -30.88
N THR B 234 4.29 6.81 -29.82
CA THR B 234 5.01 8.07 -29.73
C THR B 234 5.66 8.21 -28.36
N GLU B 235 6.47 9.25 -28.21
CA GLU B 235 7.11 9.49 -26.93
C GLU B 235 6.07 9.73 -25.84
N ALA B 236 4.86 10.18 -26.20
CA ALA B 236 3.81 10.34 -25.18
C ALA B 236 3.53 9.01 -24.52
N ASP B 237 3.50 7.92 -25.30
CA ASP B 237 3.28 6.60 -24.72
C ASP B 237 4.44 6.22 -23.81
N VAL B 238 5.68 6.47 -24.25
CA VAL B 238 6.84 6.09 -23.46
C VAL B 238 6.83 6.81 -22.13
N ARG B 239 6.58 8.12 -22.16
CA ARG B 239 6.64 8.95 -20.96
C ARG B 239 5.57 8.57 -19.95
N LEU B 240 4.39 8.15 -20.43
CA LEU B 240 3.35 7.69 -19.53
C LEU B 240 3.67 6.30 -19.00
N PHE B 241 4.13 5.41 -19.89
CA PHE B 241 4.39 4.02 -19.52
C PHE B 241 5.27 3.91 -18.29
N VAL B 242 6.36 4.69 -18.23
CA VAL B 242 7.31 4.46 -17.14
C VAL B 242 6.66 4.75 -15.80
N THR B 243 5.63 5.58 -15.77
CA THR B 243 4.88 5.79 -14.54
C THR B 243 3.88 4.67 -14.31
N ILE B 244 3.09 4.32 -15.32
CA ILE B 244 2.02 3.37 -15.10
C ILE B 244 2.56 1.97 -14.78
N ILE B 245 3.70 1.57 -15.37
CA ILE B 245 4.26 0.24 -15.14
C ILE B 245 4.74 0.10 -13.69
N ARG B 246 5.04 1.20 -13.04
CA ARG B 246 5.46 1.21 -11.67
C ARG B 246 4.31 1.47 -10.69
N PHE B 247 3.11 1.68 -11.19
CA PHE B 247 2.01 2.14 -10.36
C PHE B 247 1.52 1.06 -9.41
N ASP B 248 1.09 -0.08 -9.93
CA ASP B 248 0.60 -1.12 -9.03
C ASP B 248 1.76 -1.72 -8.22
N PRO B 249 2.96 -1.91 -8.78
CA PRO B 249 4.06 -2.50 -7.98
C PRO B 249 4.64 -1.60 -6.89
N ALA B 250 4.51 -0.28 -7.00
CA ALA B 250 5.14 0.58 -6.03
C ALA B 250 4.35 1.83 -5.64
N TYR B 251 3.79 2.56 -6.60
CA TYR B 251 3.18 3.85 -6.24
C TYR B 251 1.93 3.67 -5.40
N VAL B 252 1.15 2.61 -5.66
CA VAL B 252 -0.09 2.43 -4.92
C VAL B 252 0.20 2.34 -3.43
N GLY B 253 1.10 1.44 -3.04
CA GLY B 253 1.49 1.29 -1.66
C GLY B 253 2.44 2.35 -1.13
N HIS B 254 3.65 2.38 -1.69
CA HIS B 254 4.71 3.22 -1.14
C HIS B 254 4.38 4.70 -1.21
N PHE B 255 3.79 5.15 -2.31
CA PHE B 255 3.45 6.55 -2.48
C PHE B 255 1.98 6.86 -2.17
N LYS B 256 1.23 5.89 -1.64
CA LYS B 256 -0.16 6.09 -1.19
C LYS B 256 -1.08 6.51 -2.33
N CYS B 257 -0.76 6.11 -3.56
CA CYS B 257 -1.60 6.48 -4.71
C CYS B 257 -2.63 5.39 -4.91
N ASN B 258 -3.62 5.35 -4.01
CA ASN B 258 -4.35 4.10 -3.81
C ASN B 258 -5.85 4.26 -3.90
N LEU B 259 -6.38 5.35 -4.49
CA LEU B 259 -7.84 5.44 -4.69
C LEU B 259 -8.34 4.20 -5.43
N ARG B 260 -7.59 3.76 -6.43
CA ARG B 260 -7.84 2.49 -7.10
C ARG B 260 -6.52 2.09 -7.77
N THR B 261 -6.46 0.86 -8.24
CA THR B 261 -5.24 0.38 -8.92
C THR B 261 -5.43 0.47 -10.44
N ILE B 262 -4.32 0.32 -11.16
CA ILE B 262 -4.42 0.24 -12.61
C ILE B 262 -5.18 -1.03 -13.02
N ARG B 263 -4.80 -2.18 -12.48
CA ARG B 263 -5.33 -3.43 -13.01
C ARG B 263 -6.82 -3.60 -12.66
N ASP B 264 -7.27 -3.07 -11.55
CA ASP B 264 -8.67 -3.22 -11.19
C ASP B 264 -9.51 -1.97 -11.44
N GLY B 265 -8.89 -0.81 -11.58
CA GLY B 265 -9.67 0.38 -11.71
C GLY B 265 -9.65 1.09 -13.05
N TYR B 266 -8.70 0.76 -13.94
CA TYR B 266 -8.55 1.47 -15.21
C TYR B 266 -8.36 0.49 -16.36
N PRO B 267 -9.43 -0.13 -16.84
CA PRO B 267 -9.26 -1.20 -17.83
C PRO B 267 -8.61 -0.73 -19.12
N ALA B 268 -8.93 0.47 -19.59
CA ALA B 268 -8.34 0.94 -20.84
C ALA B 268 -6.85 1.23 -20.66
N ILE B 269 -6.46 1.86 -19.54
CA ILE B 269 -5.04 2.04 -19.27
C ILE B 269 -4.36 0.67 -19.13
N HIS B 270 -5.00 -0.23 -18.39
CA HIS B 270 -4.42 -1.55 -18.15
C HIS B 270 -4.16 -2.29 -19.46
N LEU B 271 -5.08 -2.17 -20.42
CA LEU B 271 -4.91 -2.86 -21.69
C LEU B 271 -3.78 -2.24 -22.51
N TRP B 272 -3.75 -0.90 -22.59
CA TRP B 272 -2.69 -0.18 -23.26
C TRP B 272 -1.34 -0.53 -22.67
N LEU B 273 -1.26 -0.57 -21.35
CA LEU B 273 -0.05 -0.91 -20.63
C LEU B 273 0.43 -2.31 -20.97
N ARG B 274 -0.49 -3.28 -20.92
CA ARG B 274 -0.13 -4.67 -21.17
C ARG B 274 0.28 -4.89 -22.62
N LYS B 275 -0.34 -4.19 -23.57
CA LYS B 275 0.05 -4.32 -24.96
C LYS B 275 1.47 -3.78 -25.19
N LEU B 276 1.81 -2.65 -24.59
CA LEU B 276 3.20 -2.18 -24.68
C LEU B 276 4.15 -3.18 -24.04
N TYR B 277 3.89 -3.56 -22.80
CA TYR B 277 4.82 -4.43 -22.08
C TYR B 277 5.01 -5.78 -22.78
N TRP B 278 3.92 -6.45 -23.15
CA TRP B 278 4.01 -7.83 -23.62
C TRP B 278 4.27 -7.94 -25.12
N ASN B 279 3.91 -6.92 -25.90
CA ASN B 279 4.05 -7.00 -27.35
C ASN B 279 5.21 -6.19 -27.90
N ASN B 280 5.83 -5.31 -27.12
CA ASN B 280 7.00 -4.57 -27.59
C ASN B 280 8.16 -4.82 -26.62
N SER B 281 9.12 -5.62 -27.06
CA SER B 281 10.16 -6.05 -26.14
C SER B 281 11.05 -4.90 -25.70
N ALA B 282 10.98 -3.73 -26.34
CA ALA B 282 11.71 -2.58 -25.80
C ALA B 282 11.20 -2.22 -24.41
N PHE B 283 9.93 -2.51 -24.13
CA PHE B 283 9.32 -2.12 -22.87
C PHE B 283 9.53 -3.15 -21.77
N SER B 284 9.66 -4.44 -22.12
CA SER B 284 9.85 -5.47 -21.10
C SER B 284 11.31 -5.68 -20.81
N GLU B 285 12.18 -5.63 -21.84
CA GLU B 285 13.60 -5.87 -21.63
C GLU B 285 14.24 -4.84 -20.71
N THR B 286 13.63 -3.65 -20.59
CA THR B 286 14.13 -2.52 -19.81
C THR B 286 13.35 -2.33 -18.52
N CYS B 287 12.50 -3.29 -18.19
CA CYS B 287 11.61 -3.25 -17.04
C CYS B 287 12.09 -4.28 -16.03
N LYS B 288 12.78 -3.81 -15.00
CA LYS B 288 13.28 -4.65 -13.91
C LYS B 288 12.48 -4.34 -12.65
N PHE B 289 11.46 -5.14 -12.36
CA PHE B 289 10.61 -4.85 -11.21
C PHE B 289 11.38 -4.97 -9.91
N ASP B 290 12.37 -5.87 -9.82
CA ASP B 290 13.16 -5.96 -8.60
C ASP B 290 13.92 -4.66 -8.33
N HIS B 291 14.51 -4.06 -9.37
CA HIS B 291 15.18 -2.77 -9.19
C HIS B 291 14.19 -1.70 -8.77
N ILE B 292 13.03 -1.65 -9.43
CA ILE B 292 12.01 -0.65 -9.12
C ILE B 292 11.62 -0.75 -7.66
N LYS B 293 11.27 -1.95 -7.18
CA LYS B 293 10.76 -2.05 -5.84
C LYS B 293 11.87 -1.84 -4.80
N ALA B 294 13.09 -2.29 -5.09
CA ALA B 294 14.21 -2.09 -4.18
C ALA B 294 14.47 -0.60 -3.95
N SER B 295 14.48 0.20 -5.02
CA SER B 295 14.78 1.63 -4.88
C SER B 295 13.70 2.33 -4.06
N TYR B 296 12.44 2.19 -4.46
CA TYR B 296 11.37 2.93 -3.79
C TYR B 296 11.26 2.52 -2.33
N TYR B 297 11.27 1.20 -2.06
CA TYR B 297 11.04 0.81 -0.68
C TYR B 297 12.26 0.98 0.20
N ALA B 298 13.45 1.32 -0.38
CA ALA B 298 14.59 1.72 0.43
C ALA B 298 14.54 3.17 0.87
N GLN B 299 13.52 3.93 0.48
CA GLN B 299 13.42 5.36 0.77
C GLN B 299 12.98 5.51 2.23
N LYS B 300 13.98 5.67 3.11
CA LYS B 300 13.80 5.53 4.55
C LYS B 300 12.89 6.60 5.14
N ASN B 301 12.79 7.78 4.53
CA ASN B 301 11.94 8.82 5.07
C ASN B 301 10.46 8.52 4.86
N VAL B 302 10.16 7.59 3.97
CA VAL B 302 8.78 7.14 3.73
C VAL B 302 8.55 5.78 4.36
N ASN B 303 9.54 4.93 4.28
CA ASN B 303 9.43 3.53 4.65
C ASN B 303 10.59 3.15 5.54
N PRO B 304 10.57 3.62 6.81
CA PRO B 304 11.76 3.46 7.65
C PRO B 304 12.18 2.02 7.90
N THR B 305 11.26 1.06 7.87
CA THR B 305 11.65 -0.33 8.07
C THR B 305 12.41 -0.91 6.90
N LEU B 306 12.33 -0.27 5.72
CA LEU B 306 13.05 -0.72 4.52
C LEU B 306 12.52 -2.04 3.97
N VAL B 307 11.42 -2.57 4.50
CA VAL B 307 10.86 -3.83 4.03
C VAL B 307 10.27 -3.63 2.65
N VAL B 308 10.50 -4.59 1.76
CA VAL B 308 9.97 -4.54 0.40
C VAL B 308 8.80 -5.51 0.32
N PRO B 309 7.58 -5.05 0.05
CA PRO B 309 6.45 -5.98 0.05
C PRO B 309 6.55 -7.00 -1.07
N LEU B 310 6.01 -8.18 -0.81
CA LEU B 310 6.12 -9.26 -1.79
C LEU B 310 5.09 -9.13 -2.89
N GLY B 311 4.07 -8.30 -2.68
CA GLY B 311 3.06 -8.07 -3.70
C GLY B 311 3.24 -6.72 -4.35
N PRO B 312 2.37 -6.41 -5.31
CA PRO B 312 1.28 -7.25 -5.81
C PRO B 312 1.79 -8.39 -6.68
N ILE B 313 1.10 -9.52 -6.67
CA ILE B 313 1.43 -10.62 -7.57
C ILE B 313 0.37 -10.69 -8.64
N PRO B 314 0.76 -10.63 -9.92
CA PRO B 314 2.11 -10.43 -10.45
C PRO B 314 2.40 -8.96 -10.63
N ASN B 315 3.65 -8.64 -10.96
CA ASN B 315 4.00 -7.26 -11.23
C ASN B 315 3.15 -6.68 -12.36
N ILE B 316 2.92 -7.46 -13.41
CA ILE B 316 1.99 -7.06 -14.47
C ILE B 316 1.26 -8.30 -14.97
N LEU B 317 -0.05 -8.19 -15.06
CA LEU B 317 -0.87 -9.30 -15.46
C LEU B 317 -0.67 -9.58 -16.96
N PRO B 318 -0.84 -10.82 -17.37
CA PRO B 318 -0.67 -11.15 -18.78
C PRO B 318 -1.80 -10.60 -19.64
N LEU B 319 -1.55 -10.61 -20.94
CA LEU B 319 -2.63 -10.55 -21.92
C LEU B 319 -3.19 -11.97 -22.06
O6 TUJ C . 2.56 -0.03 22.43
C6 TUJ C . 3.45 0.45 23.39
C5 TUJ C . 3.12 1.91 23.72
O5 TUJ C . 1.94 2.18 24.48
C1 TUJ C . 1.78 1.38 25.65
O1 TUJ C . 0.40 1.27 26.13
C4 TUJ C . 4.36 2.35 24.47
O4 TUJ C . 4.60 3.68 24.08
C3 TUJ C . 4.24 2.16 26.00
O3 TUJ C . 4.87 3.29 26.57
C2 TUJ C . 2.85 1.89 26.65
O2 TUJ C . 2.42 3.03 27.31
O32 TUJ C . 7.49 2.99 26.20
S3 TUJ C . 6.39 3.03 27.19
O31 TUJ C . 6.55 1.73 27.87
O33 TUJ C . 6.79 4.03 28.19
S2 TUJ C . 2.78 3.11 28.93
O23 TUJ C . 1.56 3.28 29.73
O21 TUJ C . 3.45 1.93 29.50
O22 TUJ C . 3.68 4.21 29.22
O13 TUJ C . -0.02 -1.18 27.02
S1 TUJ C . -0.22 -0.29 25.88
O11 TUJ C . 0.54 -0.96 24.81
O12 TUJ C . -1.57 -0.57 25.43
S4 TUJ C . 5.69 3.96 22.84
O43 TUJ C . 6.05 5.38 22.84
O41 TUJ C . 5.22 3.72 21.47
O42 TUJ C . 6.94 3.20 22.89
H61 TUJ C . 4.36 0.39 23.04
H62 TUJ C . 3.37 -0.09 24.19
H5 TUJ C . 3.07 2.41 22.89
H1 TUJ C . 2.04 0.49 25.41
H4 TUJ C . 5.11 1.81 24.15
H3 TUJ C . 4.80 1.40 26.22
H2 TUJ C . 2.98 1.19 27.31
O6 TUG C . 0.17 0.88 19.08
C6 TUG C . 1.20 1.63 18.45
C5 TUG C . 2.55 1.72 19.20
C4 TUG C . 3.51 0.83 18.39
O4 TUG C . 4.37 1.66 17.65
C3 TUG C . 4.42 -0.09 19.21
O3 TUG C . 5.75 0.27 18.95
C2 TUG C . 4.28 0.01 20.72
O2 TUG C . 4.76 -1.16 21.32
O5 TUG C . 2.50 1.50 20.61
C1 TUG C . 2.81 0.21 21.04
O31 TUG C . 6.67 -0.53 16.64
S3 TUG C . 6.62 -0.83 18.09
O33 TUG C . 6.15 -2.23 18.22
O32 TUG C . 8.01 -0.95 18.56
S4 TUG C . 3.88 2.89 16.64
O41 TUG C . 4.45 4.18 16.99
O42 TUG C . 4.33 2.67 15.25
O43 TUG C . 2.45 3.21 16.64
H61 TUG C . 1.36 1.23 17.58
H62 TUG C . 0.88 2.52 18.31
H5 TUG C . 2.87 2.63 19.08
H4 TUG C . 2.99 0.28 17.78
H3 TUG C . 4.27 -1.02 18.94
H2 TUG C . 4.78 0.78 21.03
HO2 TUG C . 5.55 -1.02 21.59
H1 TUG C . 2.29 -0.43 20.52
C1 5LT C . -0.25 -0.25 18.36
C2 5LT C . -1.64 -0.12 17.69
O2 5LT C . -2.24 1.15 17.70
C3 5LT C . -2.45 -1.17 18.40
O3 5LT C . -3.84 -1.20 18.18
C4 5LT C . -1.83 -2.49 17.95
O4 5LT C . -2.89 -3.36 18.23
C5 5LT C . -0.45 -2.60 18.64
O5 5LT C . -0.22 -1.35 19.24
C6 5LT C . 0.70 -2.91 17.65
O6 5LT C . 1.41 -4.13 17.88
S1 5LT C . -4.71 -1.08 16.79
S2 5LT C . -2.90 -4.76 19.10
O13 5LT C . -6.12 -1.34 17.06
O11 5LT C . -4.41 -2.02 15.71
O12 5LT C . -4.62 0.28 16.24
O23 5LT C . -4.08 -4.79 19.98
O21 5LT C . -3.01 -5.95 18.22
O22 5LT C . -1.77 -5.00 20.00
H1 5LT C . 0.39 -0.42 17.66
H2 5LT C . -1.54 -0.39 16.77
HO2 5LT C . -1.91 1.62 17.09
H3 5LT C . -2.30 -1.09 19.36
H4 5LT C . -1.70 -2.46 16.99
H5 5LT C . -0.49 -3.28 19.33
H61 5LT C . 0.33 -2.94 16.76
H62 5LT C . 1.33 -2.18 17.70
HO6 5LT C . 1.76 -4.39 17.15
O6 TUJ D . 18.50 13.03 -2.48
C6 TUJ D . 19.51 13.59 -1.68
C5 TUJ D . 20.54 12.55 -1.27
O5 TUJ D . 21.46 12.08 -2.27
C1 TUJ D . 22.01 13.08 -3.11
O1 TUJ D . 22.49 12.57 -4.43
C4 TUJ D . 21.26 13.27 -0.14
O4 TUJ D . 21.68 12.31 0.80
C3 TUJ D . 22.38 14.18 -0.70
O3 TUJ D . 23.43 14.11 0.25
C2 TUJ D . 22.91 13.91 -2.15
O2 TUJ D . 24.14 13.32 -1.94
O32 TUJ D . 22.43 15.61 2.22
S3 TUJ D . 23.59 15.38 1.34
O31 TUJ D . 23.81 16.68 0.71
O33 TUJ D . 24.71 15.20 2.27
S2 TUJ D . 25.49 14.26 -2.11
O23 TUJ D . 26.31 13.63 -3.15
O21 TUJ D . 25.41 15.67 -2.51
O22 TUJ D . 26.26 14.30 -0.86
O13 TUJ D . 22.13 14.53 -6.11
S1 TUJ D . 21.56 13.25 -5.68
O11 TUJ D . 20.21 13.72 -5.25
O12 TUJ D . 21.10 12.57 -6.88
S4 TUJ D . 20.68 12.05 2.13
O43 TUJ D . 21.42 11.38 3.21
O41 TUJ D . 19.55 11.15 1.94
O42 TUJ D . 20.07 13.26 2.70
H61 TUJ D . 19.11 13.98 -0.89
H62 TUJ D . 19.95 14.29 -2.19
H5 TUJ D . 20.08 11.78 -0.89
H1 TUJ D . 21.28 13.66 -3.32
H4 TUJ D . 20.61 13.85 0.29
H3 TUJ D . 22.05 15.08 -0.69
H2 TUJ D . 23.07 14.78 -2.57
O6 TUG D . 16.30 9.52 -3.34
C6 TUG D . 15.99 9.37 -1.98
C5 TUG D . 16.60 10.35 -0.97
C4 TUG D . 15.39 11.15 -0.48
O4 TUG D . 14.89 10.62 0.71
C3 TUG D . 15.59 12.65 -0.25
O3 TUG D . 15.42 12.95 1.11
C2 TUG D . 16.93 13.19 -0.66
O2 TUG D . 16.79 14.53 -1.00
O5 TUG D . 17.71 11.09 -1.43
C1 TUG D . 17.40 12.40 -1.87
O31 TUG D . 12.93 12.69 1.79
S3 TUG D . 13.97 13.67 1.40
O33 TUG D . 13.41 14.39 0.24
O32 TUG D . 14.01 14.67 2.50
S4 TUG D . 14.87 9.05 1.21
O41 TUG D . 15.84 8.76 2.26
O42 TUG D . 13.60 8.68 1.83
O43 TUG D . 15.24 8.01 0.23
H61 TUG D . 15.03 9.42 -1.90
H62 TUG D . 16.26 8.47 -1.72
H5 TUG D . 16.92 9.82 -0.21
H4 TUG D . 14.70 11.05 -1.16
H3 TUG D . 14.91 13.12 -0.75
H2 TUG D . 17.56 13.08 0.07
HO2 TUG D . 16.32 14.93 -0.40
H1 TUG D . 16.66 12.34 -2.51
C1 5LT D . 15.18 9.63 -4.17
C2 5LT D . 14.82 8.47 -5.15
O2 5LT D . 15.47 7.23 -5.01
C3 5LT D . 14.93 9.13 -6.52
O3 5LT D . 14.82 8.32 -7.66
C4 5LT D . 13.80 10.14 -6.48
O4 5LT D . 13.52 10.38 -7.81
C5 5LT D . 14.15 11.30 -5.51
O5 5LT D . 15.31 10.89 -4.79
C6 5LT D . 12.98 11.57 -4.51
O6 5LT D . 12.36 12.86 -4.59
S1 5LT D . 13.93 6.95 -7.92
S2 5LT D . 13.78 11.70 -8.79
O13 5LT D . 14.20 6.46 -9.27
O11 5LT D . 12.47 7.07 -7.83
O12 5LT D . 14.29 5.83 -7.07
O23 5LT D . 14.81 11.33 -9.78
O21 5LT D . 12.50 12.03 -9.44
O22 5LT D . 14.23 12.94 -8.13
H1 5LT D . 14.41 9.71 -3.58
H2 5LT D . 13.88 8.29 -5.02
HO2 5LT D . 15.25 6.87 -4.27
H3 5LT D . 15.78 9.61 -6.56
H4 5LT D . 13.03 9.68 -6.10
H5 5LT D . 14.35 12.10 -6.01
H61 5LT D . 12.30 10.90 -4.67
H62 5LT D . 13.32 11.46 -3.62
HO6 5LT D . 11.54 12.80 -4.36
#